data_3KD4
#
_entry.id   3KD4
#
_cell.length_a   153.167
_cell.length_b   159.397
_cell.length_c   78.230
_cell.angle_alpha   90.000
_cell.angle_beta   91.640
_cell.angle_gamma   90.000
#
_symmetry.space_group_name_H-M   'C 1 2 1'
#
loop_
_entity.id
_entity.type
_entity.pdbx_description
1 polymer 'Putative protease'
2 non-polymer 'PHOSPHATE ION'
3 non-polymer GLYCEROL
4 water water
#
_entity_poly.entity_id   1
_entity_poly.type   'polypeptide(L)'
_entity_poly.pdbx_seq_one_letter_code
;GAASEAEYGKVSKAWTLHADGSQEYRSS(MSE)ELTLFTHTA(MSE)NSTYGESFIVYNPDFQTLKIHSSYTRQKDGTIV
KTPDNAFVEVLPRFAADAPAYNQLKE(MSE)VVVHTGLELGATIYLDYSIITKPGYYPALDINERLQETSPVKECKVSIS
VPEGTPLACGLYGSPVKAVEESHDGIKEVHWTLRNIPASSREAFQPKNREASPHLVASTYPSGKAALATLDKRLKESQGY
ESKTFAQFLTDKSGNEQEKVNIIRDHILNNLSTCPIP(MSE)A(MSE)TGYTVRDIDTVLRSAYGTPLEIAQLLNV
(MSE)LNAAGIPSEVLAVYPGHLDTDACGLAAIQTLAVKATVDGKDQYLSASPLTNRGGLDKVVSLSGTSIEIETTPIQI
KESRSVAISADQAKDGFAICVLPAISAGIDSWG(MSE)SALNSKRSNLFELPSLIREEVTYTVTPAEG(MSE)KLQTSTQ
EQVISKPFGKVTRTITPRGNTIEVVRTIELNKQQFTPAEYSDVRSLIHEWTNPDNRVLLFSL
;
_entity_poly.pdbx_strand_id   A,B
#
# COMPACT_ATOMS: atom_id res chain seq x y z
N ALA A 2 -1.66 6.94 -17.32
CA ALA A 2 -2.10 5.50 -17.22
C ALA A 2 -2.94 5.06 -18.45
N ALA A 3 -3.89 4.13 -18.21
CA ALA A 3 -4.65 3.47 -19.28
C ALA A 3 -5.71 4.38 -19.94
N SER A 4 -6.82 4.68 -19.26
CA SER A 4 -7.81 5.62 -19.83
C SER A 4 -7.45 7.06 -19.44
N GLU A 5 -6.24 7.26 -18.96
CA GLU A 5 -5.72 8.59 -18.68
C GLU A 5 -5.13 9.28 -19.93
N ALA A 6 -4.64 8.45 -20.86
CA ALA A 6 -3.97 8.91 -22.08
C ALA A 6 -4.05 7.82 -23.10
N GLU A 7 -3.94 8.21 -24.37
CA GLU A 7 -3.88 7.28 -25.47
C GLU A 7 -2.99 7.82 -26.57
N TYR A 8 -2.14 6.97 -27.13
CA TYR A 8 -1.40 7.32 -28.34
C TYR A 8 -2.28 7.00 -29.52
N GLY A 9 -2.80 8.02 -30.18
CA GLY A 9 -3.61 7.84 -31.37
C GLY A 9 -2.75 7.26 -32.48
N LYS A 10 -1.54 7.77 -32.61
CA LYS A 10 -0.62 7.26 -33.62
C LYS A 10 0.81 7.26 -33.13
N VAL A 11 1.52 6.20 -33.49
CA VAL A 11 2.95 6.12 -33.38
C VAL A 11 3.49 5.67 -34.77
N SER A 12 4.55 6.32 -35.22
CA SER A 12 5.24 5.87 -36.43
C SER A 12 6.73 5.95 -36.20
N LYS A 13 7.44 4.84 -36.41
CA LYS A 13 8.90 4.83 -36.26
C LYS A 13 9.48 4.26 -37.54
N ALA A 14 10.53 4.91 -38.05
CA ALA A 14 11.13 4.50 -39.31
C ALA A 14 12.64 4.52 -39.16
N TRP A 15 13.30 3.41 -39.51
CA TRP A 15 14.74 3.35 -39.48
C TRP A 15 15.22 3.19 -40.92
N THR A 16 16.27 3.90 -41.26
CA THR A 16 16.89 3.84 -42.54
C THR A 16 18.39 3.67 -42.41
N LEU A 17 18.94 2.72 -43.15
CA LEU A 17 20.40 2.58 -43.31
C LEU A 17 20.75 3.01 -44.73
N HIS A 18 21.72 3.90 -44.88
CA HIS A 18 22.18 4.34 -46.19
C HIS A 18 23.45 3.57 -46.57
N ALA A 19 23.75 3.53 -47.88
CA ALA A 19 24.92 2.82 -48.41
C ALA A 19 26.21 3.23 -47.76
N ASP A 20 26.34 4.49 -47.33
CA ASP A 20 27.59 4.90 -46.69
C ASP A 20 27.70 4.56 -45.22
N GLY A 21 26.68 3.91 -44.67
CA GLY A 21 26.72 3.55 -43.27
C GLY A 21 26.06 4.56 -42.33
N SER A 22 25.69 5.72 -42.85
CA SER A 22 24.86 6.65 -42.12
C SER A 22 23.43 6.06 -41.90
N GLN A 23 22.75 6.58 -40.89
CA GLN A 23 21.42 6.12 -40.50
C GLN A 23 20.51 7.28 -40.22
N GLU A 24 19.22 7.01 -40.30
CA GLU A 24 18.23 7.92 -39.78
C GLU A 24 17.27 7.10 -38.96
N TYR A 25 16.89 7.67 -37.83
CA TYR A 25 15.75 7.19 -37.05
C TYR A 25 14.72 8.34 -36.95
N ARG A 26 13.50 8.10 -37.39
CA ARG A 26 12.46 9.12 -37.37
C ARG A 26 11.29 8.61 -36.54
N SER A 27 10.88 9.41 -35.57
CA SER A 27 9.83 9.02 -34.62
C SER A 27 8.77 10.06 -34.61
N SER A 28 7.52 9.68 -34.93
CA SER A 28 6.39 10.62 -34.71
C SER A 28 5.35 10.01 -33.87
N GLU A 30 1.36 10.98 -31.74
CA GLU A 30 0.20 11.72 -31.34
C GLU A 30 -0.23 11.10 -30.01
N LEU A 31 -0.31 11.94 -28.98
CA LEU A 31 -0.63 11.49 -27.64
C LEU A 31 -1.68 12.39 -27.04
N THR A 32 -2.85 11.82 -26.78
CA THR A 32 -3.92 12.56 -26.13
C THR A 32 -3.93 12.31 -24.62
N LEU A 33 -4.00 13.39 -23.85
CA LEU A 33 -4.02 13.38 -22.38
C LEU A 33 -5.42 13.75 -21.91
N PHE A 34 -6.04 12.91 -21.11
CA PHE A 34 -7.44 13.14 -20.74
C PHE A 34 -7.64 13.69 -19.35
N THR A 35 -6.61 13.66 -18.50
CA THR A 35 -6.72 14.09 -17.12
C THR A 35 -5.57 15.05 -16.75
N HIS A 36 -5.78 15.83 -15.72
CA HIS A 36 -4.65 16.53 -15.10
C HIS A 36 -3.56 15.65 -14.57
N THR A 37 -3.89 14.46 -14.10
CA THR A 37 -2.91 13.46 -13.63
C THR A 37 -1.94 13.14 -14.77
N ALA A 38 -2.50 12.88 -15.95
CA ALA A 38 -1.70 12.65 -17.16
C ALA A 38 -0.85 13.92 -17.50
N ASN A 40 0.18 16.42 -15.76
CA ASN A 40 1.15 16.87 -14.74
C ASN A 40 2.21 15.81 -14.48
N SER A 41 2.10 14.66 -15.15
CA SER A 41 3.10 13.61 -15.07
C SER A 41 4.25 13.91 -16.07
N THR A 42 5.18 12.98 -16.24
CA THR A 42 6.23 13.16 -17.23
C THR A 42 5.66 13.08 -18.67
N TYR A 43 4.38 12.75 -18.84
CA TYR A 43 3.73 12.94 -20.17
C TYR A 43 3.74 14.41 -20.62
N GLY A 44 3.95 15.32 -19.66
CA GLY A 44 4.11 16.74 -19.99
C GLY A 44 5.39 17.06 -20.77
N GLU A 45 6.30 16.08 -20.86
CA GLU A 45 7.57 16.26 -21.57
C GLU A 45 7.87 15.08 -22.47
N SER A 46 8.72 15.34 -23.45
CA SER A 46 9.38 14.29 -24.21
C SER A 46 10.89 14.39 -23.96
N PHE A 47 11.55 13.24 -23.99
CA PHE A 47 12.99 13.13 -23.71
C PHE A 47 13.68 12.43 -24.84
N ILE A 48 14.66 13.08 -25.45
CA ILE A 48 15.34 12.49 -26.61
C ILE A 48 16.85 12.47 -26.42
N VAL A 49 17.42 11.29 -26.30
CA VAL A 49 18.85 11.14 -26.00
C VAL A 49 19.66 10.91 -27.29
N TYR A 50 20.79 11.57 -27.43
CA TYR A 50 21.64 11.32 -28.59
C TYR A 50 23.07 11.71 -28.32
N ASN A 51 23.96 11.26 -29.22
CA ASN A 51 25.38 11.54 -29.09
C ASN A 51 25.82 12.50 -30.17
N PRO A 52 26.02 13.77 -29.82
CA PRO A 52 26.33 14.77 -30.82
C PRO A 52 27.69 14.62 -31.48
N ASP A 53 28.58 13.78 -30.99
CA ASP A 53 29.80 13.51 -31.75
C ASP A 53 29.50 12.86 -33.11
N PHE A 54 28.39 12.11 -33.23
CA PHE A 54 28.03 11.48 -34.49
C PHE A 54 26.59 11.65 -34.90
N GLN A 55 25.78 12.28 -34.04
CA GLN A 55 24.35 12.37 -34.33
C GLN A 55 23.86 13.79 -34.30
N THR A 56 22.87 14.07 -35.14
CA THR A 56 22.16 15.33 -34.97
CA THR A 56 22.15 15.35 -35.13
C THR A 56 20.66 15.09 -34.84
N LEU A 57 20.05 15.93 -34.02
CA LEU A 57 18.63 15.88 -33.74
C LEU A 57 17.93 16.90 -34.59
N LYS A 58 16.92 16.49 -35.33
CA LYS A 58 16.15 17.43 -36.12
C LYS A 58 14.69 17.32 -35.72
N ILE A 59 14.11 18.43 -35.29
CA ILE A 59 12.71 18.41 -34.87
C ILE A 59 11.91 18.80 -36.08
N HIS A 60 11.06 17.92 -36.57
CA HIS A 60 10.27 18.24 -37.74
C HIS A 60 9.06 19.07 -37.37
N SER A 61 8.42 18.71 -36.26
CA SER A 61 7.34 19.47 -35.76
C SER A 61 7.10 19.10 -34.28
N SER A 62 6.56 20.07 -33.57
CA SER A 62 6.22 19.95 -32.16
C SER A 62 5.13 20.98 -31.84
N TYR A 63 3.94 20.46 -31.56
CA TYR A 63 2.79 21.28 -31.19
C TYR A 63 1.76 20.48 -30.42
N THR A 64 0.86 21.22 -29.79
CA THR A 64 -0.29 20.64 -29.11
C THR A 64 -1.56 21.07 -29.82
N ARG A 65 -2.42 20.09 -30.10
CA ARG A 65 -3.73 20.37 -30.67
C ARG A 65 -4.78 20.25 -29.61
N GLN A 66 -5.43 21.36 -29.29
CA GLN A 66 -6.52 21.36 -28.29
C GLN A 66 -7.79 20.85 -28.92
N LYS A 67 -8.75 20.45 -28.09
CA LYS A 67 -9.96 19.78 -28.59
C LYS A 67 -10.72 20.62 -29.56
N ASP A 68 -10.72 21.94 -29.36
CA ASP A 68 -11.43 22.83 -30.28
C ASP A 68 -10.68 23.12 -31.57
N GLY A 69 -9.55 22.47 -31.82
CA GLY A 69 -8.78 22.77 -33.02
C GLY A 69 -7.64 23.78 -32.85
N THR A 70 -7.53 24.45 -31.72
CA THR A 70 -6.42 25.41 -31.52
C THR A 70 -5.09 24.68 -31.56
N ILE A 71 -4.14 25.24 -32.28
CA ILE A 71 -2.80 24.64 -32.40
C ILE A 71 -1.83 25.53 -31.61
N VAL A 72 -1.13 24.92 -30.66
CA VAL A 72 -0.14 25.62 -29.85
C VAL A 72 1.23 25.04 -30.15
N LYS A 73 2.00 25.80 -30.93
CA LYS A 73 3.32 25.39 -31.36
C LYS A 73 4.29 25.51 -30.18
N THR A 74 5.14 24.51 -29.98
CA THR A 74 6.10 24.54 -28.92
C THR A 74 7.09 25.69 -29.14
N PRO A 75 7.19 26.63 -28.17
CA PRO A 75 8.11 27.75 -28.37
C PRO A 75 9.54 27.31 -28.15
N ASP A 76 10.48 28.06 -28.70
CA ASP A 76 11.91 27.75 -28.58
C ASP A 76 12.35 27.53 -27.14
N ASN A 77 11.86 28.36 -26.23
CA ASN A 77 12.29 28.25 -24.83
C ASN A 77 11.71 27.05 -24.08
N ALA A 78 10.89 26.24 -24.75
CA ALA A 78 10.39 24.98 -24.18
C ALA A 78 11.26 23.78 -24.62
N PHE A 79 12.34 24.03 -25.37
CA PHE A 79 13.32 23.00 -25.71
C PHE A 79 14.56 23.19 -24.84
N VAL A 80 14.84 22.25 -23.93
CA VAL A 80 15.97 22.40 -23.03
C VAL A 80 16.88 21.21 -23.16
N GLU A 81 18.16 21.45 -23.44
CA GLU A 81 19.13 20.38 -23.57
C GLU A 81 19.91 20.20 -22.28
N VAL A 82 20.06 18.97 -21.84
CA VAL A 82 20.68 18.63 -20.56
C VAL A 82 21.54 17.38 -20.75
N LEU A 83 22.34 17.04 -19.74
CA LEU A 83 23.09 15.77 -19.72
C LEU A 83 22.14 14.67 -19.28
N PRO A 84 22.11 13.52 -19.99
CA PRO A 84 21.30 12.42 -19.50
C PRO A 84 21.78 11.99 -18.11
N ARG A 85 20.84 11.61 -17.24
CA ARG A 85 21.15 11.24 -15.85
C ARG A 85 22.13 10.07 -15.81
N PHE A 86 22.01 9.12 -16.73
CA PHE A 86 22.90 7.98 -16.77
C PHE A 86 24.39 8.34 -16.98
N ALA A 87 24.65 9.53 -17.49
CA ALA A 87 26.01 9.97 -17.79
C ALA A 87 26.62 10.85 -16.71
N ALA A 88 25.87 11.11 -15.64
CA ALA A 88 26.31 12.04 -14.58
C ALA A 88 27.62 11.55 -13.94
N ASP A 89 28.49 12.50 -13.61
CA ASP A 89 29.81 12.24 -12.99
C ASP A 89 30.72 11.34 -13.81
N ALA A 90 30.58 11.35 -15.15
CA ALA A 90 31.31 10.42 -16.05
C ALA A 90 31.89 11.21 -17.22
N PRO A 91 33.06 11.83 -16.97
CA PRO A 91 33.68 12.83 -17.82
C PRO A 91 33.83 12.44 -19.24
N ALA A 92 34.19 11.18 -19.47
CA ALA A 92 34.37 10.70 -20.84
C ALA A 92 33.09 10.79 -21.67
N TYR A 93 31.92 10.85 -21.01
CA TYR A 93 30.62 10.88 -21.70
C TYR A 93 29.87 12.18 -21.53
N ASN A 94 30.60 13.22 -21.17
CA ASN A 94 29.96 14.48 -20.86
C ASN A 94 29.49 15.22 -22.11
N GLN A 95 29.79 14.71 -23.31
CA GLN A 95 29.22 15.30 -24.53
C GLN A 95 27.76 14.82 -24.80
N LEU A 96 27.32 13.74 -24.14
CA LEU A 96 26.00 13.17 -24.44
C LEU A 96 24.90 14.16 -24.13
N LYS A 97 23.84 14.13 -24.94
CA LYS A 97 22.72 15.07 -24.81
C LYS A 97 21.37 14.41 -24.68
N GLU A 98 20.53 15.06 -23.89
CA GLU A 98 19.13 14.73 -23.78
C GLU A 98 18.34 16.01 -24.00
N VAL A 100 14.95 17.85 -23.79
CA VAL A 100 13.67 17.79 -23.07
C VAL A 100 12.73 18.77 -23.78
N VAL A 101 11.66 18.25 -24.34
CA VAL A 101 10.62 19.05 -24.98
C VAL A 101 9.49 19.23 -23.96
N VAL A 102 9.23 20.46 -23.54
CA VAL A 102 8.14 20.72 -22.59
C VAL A 102 6.90 21.04 -23.40
N HIS A 103 5.89 20.17 -23.31
CA HIS A 103 4.70 20.33 -24.11
C HIS A 103 3.84 21.42 -23.55
N THR A 104 3.55 22.43 -24.36
CA THR A 104 2.80 23.57 -23.90
C THR A 104 1.41 23.51 -24.49
N GLY A 105 0.54 24.34 -23.93
CA GLY A 105 -0.85 24.41 -24.33
C GLY A 105 -1.68 23.20 -23.95
N LEU A 106 -1.19 22.37 -23.04
CA LEU A 106 -1.95 21.21 -22.62
C LEU A 106 -3.26 21.64 -21.92
N GLU A 107 -4.32 20.92 -22.23
CA GLU A 107 -5.66 21.07 -21.62
C GLU A 107 -6.26 19.70 -21.69
N LEU A 108 -7.26 19.45 -20.87
CA LEU A 108 -7.97 18.16 -20.93
C LEU A 108 -8.37 17.82 -22.38
N GLY A 109 -7.97 16.65 -22.84
CA GLY A 109 -8.34 16.16 -24.17
C GLY A 109 -7.48 16.66 -25.31
N ALA A 110 -6.47 17.45 -24.98
CA ALA A 110 -5.49 17.93 -25.96
C ALA A 110 -4.57 16.81 -26.42
N THR A 111 -4.04 16.97 -27.63
CA THR A 111 -3.18 15.97 -28.27
C THR A 111 -1.83 16.56 -28.61
N ILE A 112 -0.80 15.91 -28.08
CA ILE A 112 0.59 16.29 -28.35
C ILE A 112 1.02 15.67 -29.65
N TYR A 113 1.60 16.48 -30.53
CA TYR A 113 2.22 16.01 -31.78
C TYR A 113 3.71 16.27 -31.73
N LEU A 114 4.50 15.23 -31.93
CA LEU A 114 5.95 15.38 -31.99
C LEU A 114 6.50 14.45 -33.06
N ASP A 115 7.34 15.00 -33.92
CA ASP A 115 7.92 14.30 -35.06
C ASP A 115 9.36 14.75 -35.15
N TYR A 116 10.30 13.83 -34.94
CA TYR A 116 11.72 14.16 -34.99
C TYR A 116 12.53 13.07 -35.63
N SER A 117 13.74 13.43 -36.06
CA SER A 117 14.73 12.47 -36.52
C SER A 117 16.03 12.62 -35.76
N ILE A 118 16.70 11.49 -35.62
CA ILE A 118 18.09 11.42 -35.22
C ILE A 118 18.86 10.92 -36.46
N ILE A 119 19.81 11.72 -36.92
CA ILE A 119 20.59 11.42 -38.10
C ILE A 119 22.01 11.07 -37.64
N THR A 120 22.46 9.88 -38.00
CA THR A 120 23.77 9.36 -37.57
C THR A 120 24.71 9.33 -38.76
N LYS A 121 25.85 9.97 -38.61
CA LYS A 121 26.84 10.00 -39.66
C LYS A 121 27.56 8.65 -39.85
N PRO A 122 28.22 8.46 -41.01
CA PRO A 122 28.92 7.20 -41.21
C PRO A 122 29.96 6.96 -40.14
N GLY A 123 30.26 5.71 -39.85
CA GLY A 123 31.36 5.39 -38.97
C GLY A 123 31.04 5.27 -37.49
N TYR A 124 29.78 5.31 -37.11
CA TYR A 124 29.41 5.26 -35.69
C TYR A 124 28.76 3.89 -35.41
N TYR A 125 27.79 3.49 -36.20
CA TYR A 125 27.16 2.19 -35.97
C TYR A 125 27.68 1.19 -36.99
N PRO A 126 28.15 0.01 -36.56
CA PRO A 126 28.57 -1.03 -37.51
C PRO A 126 27.45 -1.55 -38.39
N ALA A 127 26.21 -1.44 -37.94
CA ALA A 127 25.08 -2.04 -38.64
C ALA A 127 23.78 -1.38 -38.19
N LEU A 128 22.68 -1.61 -38.90
CA LEU A 128 21.36 -1.26 -38.40
C LEU A 128 20.99 -2.36 -37.39
N ASP A 129 20.63 -1.97 -36.17
CA ASP A 129 20.52 -2.88 -35.06
C ASP A 129 19.39 -2.37 -34.12
N ILE A 130 18.23 -3.01 -34.22
CA ILE A 130 16.98 -2.50 -33.64
C ILE A 130 16.44 -3.52 -32.64
N ASN A 131 15.98 -3.02 -31.49
CA ASN A 131 15.22 -3.76 -30.52
C ASN A 131 14.22 -2.80 -29.89
N GLU A 132 13.07 -2.61 -30.52
CA GLU A 132 12.20 -1.52 -30.12
C GLU A 132 10.92 -2.03 -29.48
N ARG A 133 10.69 -1.60 -28.27
CA ARG A 133 9.42 -1.85 -27.60
C ARG A 133 8.31 -1.04 -28.25
N LEU A 134 7.19 -1.67 -28.62
CA LEU A 134 6.08 -0.99 -29.27
C LEU A 134 4.85 -0.78 -28.34
N GLN A 135 4.79 -1.53 -27.25
CA GLN A 135 3.78 -1.33 -26.22
C GLN A 135 4.18 -0.21 -25.31
N GLU A 136 3.21 0.62 -24.94
CA GLU A 136 3.45 1.70 -23.98
C GLU A 136 2.58 1.53 -22.72
N THR A 137 2.74 2.45 -21.77
CA THR A 137 1.94 2.42 -20.54
C THR A 137 0.53 2.94 -20.79
N SER A 138 0.31 3.58 -21.93
CA SER A 138 -1.02 3.88 -22.44
C SER A 138 -1.27 3.07 -23.72
N PRO A 139 -2.54 2.85 -24.05
CA PRO A 139 -2.84 2.19 -25.32
C PRO A 139 -2.33 2.96 -26.56
N VAL A 140 -2.01 2.18 -27.60
CA VAL A 140 -1.57 2.71 -28.89
C VAL A 140 -2.59 2.26 -29.93
N LYS A 141 -3.31 3.21 -30.50
CA LYS A 141 -4.37 2.90 -31.45
CA LYS A 141 -4.37 2.88 -31.43
C LYS A 141 -3.82 2.37 -32.75
N GLU A 142 -2.71 2.96 -33.19
CA GLU A 142 -2.02 2.56 -34.42
C GLU A 142 -0.54 2.83 -34.32
N CYS A 143 0.23 1.79 -34.66
CA CYS A 143 1.66 1.83 -34.60
C CYS A 143 2.19 1.30 -35.95
N LYS A 144 2.90 2.17 -36.67
CA LYS A 144 3.55 1.84 -37.94
C LYS A 144 5.03 1.85 -37.76
N VAL A 145 5.68 0.78 -38.18
CA VAL A 145 7.14 0.67 -38.09
C VAL A 145 7.67 0.24 -39.43
N SER A 146 8.82 0.80 -39.78
CA SER A 146 9.38 0.67 -41.10
C SER A 146 10.89 0.56 -41.03
N ILE A 147 11.47 -0.34 -41.81
CA ILE A 147 12.95 -0.45 -41.90
C ILE A 147 13.36 -0.38 -43.35
N SER A 148 14.31 0.49 -43.70
CA SER A 148 14.80 0.61 -45.09
C SER A 148 16.28 0.46 -45.10
N VAL A 149 16.77 -0.40 -46.00
CA VAL A 149 18.20 -0.65 -46.16
C VAL A 149 18.48 -0.75 -47.68
N PRO A 150 19.76 -0.63 -48.08
CA PRO A 150 20.11 -0.78 -49.48
C PRO A 150 19.86 -2.20 -49.98
N GLU A 151 19.34 -2.33 -51.20
CA GLU A 151 19.25 -3.63 -51.81
C GLU A 151 20.60 -4.28 -51.74
N GLY A 152 20.59 -5.55 -51.39
CA GLY A 152 21.83 -6.29 -51.26
C GLY A 152 22.39 -6.35 -49.87
N THR A 153 21.86 -5.53 -48.95
CA THR A 153 22.24 -5.57 -47.56
C THR A 153 21.43 -6.69 -46.88
N PRO A 154 22.10 -7.56 -46.13
CA PRO A 154 21.30 -8.58 -45.43
C PRO A 154 20.41 -7.93 -44.37
N LEU A 155 19.20 -8.44 -44.19
CA LEU A 155 18.31 -7.92 -43.18
C LEU A 155 17.57 -9.10 -42.56
N ALA A 156 17.69 -9.24 -41.24
CA ALA A 156 16.82 -10.16 -40.52
C ALA A 156 15.94 -9.29 -39.64
N CYS A 157 14.64 -9.57 -39.65
CA CYS A 157 13.73 -8.79 -38.84
CA CYS A 157 13.63 -8.77 -38.92
C CYS A 157 12.57 -9.66 -38.39
N GLY A 158 12.05 -9.29 -37.22
CA GLY A 158 10.92 -9.98 -36.67
C GLY A 158 10.15 -9.07 -35.74
N LEU A 159 8.85 -9.23 -35.77
CA LEU A 159 7.98 -8.59 -34.82
C LEU A 159 7.58 -9.65 -33.80
N TYR A 160 8.08 -9.53 -32.58
CA TYR A 160 7.75 -10.45 -31.49
C TYR A 160 6.58 -9.92 -30.71
N GLY A 161 5.75 -10.85 -30.23
CA GLY A 161 4.57 -10.52 -29.44
C GLY A 161 3.41 -9.97 -30.22
N SER A 162 3.35 -10.26 -31.51
CA SER A 162 2.26 -9.79 -32.34
C SER A 162 2.22 -10.69 -33.56
N PRO A 163 1.03 -11.04 -34.05
CA PRO A 163 0.95 -11.85 -35.26
C PRO A 163 0.99 -11.06 -36.56
N VAL A 164 1.13 -9.74 -36.51
CA VAL A 164 1.07 -8.91 -37.70
C VAL A 164 2.20 -9.27 -38.64
N LYS A 165 1.86 -9.41 -39.92
CA LYS A 165 2.83 -9.82 -40.95
C LYS A 165 3.53 -8.62 -41.61
N ALA A 166 4.82 -8.79 -41.89
CA ALA A 166 5.64 -7.83 -42.62
C ALA A 166 5.08 -7.58 -44.01
N VAL A 167 5.05 -6.34 -44.48
CA VAL A 167 4.81 -6.03 -45.88
C VAL A 167 6.15 -5.54 -46.49
N GLU A 168 6.58 -6.18 -47.57
CA GLU A 168 7.89 -5.88 -48.16
C GLU A 168 7.67 -5.00 -49.36
N GLU A 169 8.53 -4.01 -49.57
CA GLU A 169 8.34 -3.07 -50.64
C GLU A 169 9.74 -2.62 -51.07
N SER A 170 10.11 -2.88 -52.31
CA SER A 170 11.34 -2.34 -52.82
C SER A 170 11.08 -1.19 -53.76
N HIS A 171 12.01 -0.26 -53.77
CA HIS A 171 11.94 0.92 -54.62
C HIS A 171 13.29 1.59 -54.65
N ASP A 172 13.68 2.08 -55.82
CA ASP A 172 14.82 2.98 -55.95
C ASP A 172 16.13 2.41 -55.38
N GLY A 173 16.33 1.11 -55.51
CA GLY A 173 17.52 0.41 -54.99
C GLY A 173 17.48 0.21 -53.47
N ILE A 174 16.32 0.42 -52.86
CA ILE A 174 16.13 0.29 -51.41
C ILE A 174 15.13 -0.83 -51.14
N LYS A 175 15.43 -1.60 -50.11
CA LYS A 175 14.58 -2.66 -49.66
C LYS A 175 13.91 -2.15 -48.36
N GLU A 176 12.58 -2.16 -48.34
CA GLU A 176 11.83 -1.68 -47.20
CA GLU A 176 11.80 -1.64 -47.22
C GLU A 176 10.86 -2.73 -46.69
N VAL A 177 10.72 -2.81 -45.37
CA VAL A 177 9.74 -3.68 -44.78
C VAL A 177 8.98 -2.87 -43.74
N HIS A 178 7.67 -3.06 -43.69
CA HIS A 178 6.87 -2.34 -42.74
C HIS A 178 5.80 -3.20 -42.12
N TRP A 179 5.36 -2.79 -40.93
CA TRP A 179 4.26 -3.44 -40.26
C TRP A 179 3.30 -2.38 -39.72
N THR A 180 2.01 -2.75 -39.58
CA THR A 180 1.03 -1.88 -38.96
C THR A 180 0.31 -2.62 -37.84
N LEU A 181 0.47 -2.17 -36.61
CA LEU A 181 -0.21 -2.81 -35.47
C LEU A 181 -1.34 -1.87 -35.04
N ARG A 182 -2.47 -2.44 -34.63
CA ARG A 182 -3.60 -1.65 -34.19
C ARG A 182 -4.06 -2.08 -32.83
N ASN A 183 -4.47 -1.10 -32.05
CA ASN A 183 -5.05 -1.32 -30.72
C ASN A 183 -4.14 -2.12 -29.82
N ILE A 184 -2.92 -1.66 -29.62
CA ILE A 184 -2.01 -2.28 -28.68
C ILE A 184 -2.48 -1.87 -27.27
N PRO A 185 -2.82 -2.85 -26.43
CA PRO A 185 -3.26 -2.51 -25.09
C PRO A 185 -2.14 -1.82 -24.31
N ALA A 186 -2.49 -0.99 -23.34
CA ALA A 186 -1.54 -0.46 -22.37
C ALA A 186 -0.85 -1.66 -21.69
N SER A 187 0.42 -1.52 -21.29
CA SER A 187 1.00 -2.55 -20.47
C SER A 187 0.29 -2.58 -19.10
N SER A 188 0.35 -3.72 -18.44
CA SER A 188 -0.30 -3.87 -17.13
C SER A 188 0.56 -3.21 -16.10
N ARG A 189 -0.10 -2.63 -15.09
CA ARG A 189 0.61 -2.02 -13.98
C ARG A 189 0.98 -3.10 -12.93
N GLU A 190 0.57 -4.35 -13.10
CA GLU A 190 0.93 -5.41 -12.13
C GLU A 190 2.41 -5.47 -11.84
N ALA A 191 2.74 -5.64 -10.56
CA ALA A 191 4.14 -5.84 -10.17
C ALA A 191 4.54 -7.27 -10.51
N PHE A 192 5.84 -7.52 -10.55
CA PHE A 192 6.38 -8.89 -10.68
C PHE A 192 5.96 -9.65 -11.94
N GLN A 193 5.71 -8.91 -13.01
CA GLN A 193 5.57 -9.51 -14.31
C GLN A 193 6.95 -9.99 -14.79
N PRO A 194 6.99 -10.90 -15.74
CA PRO A 194 8.27 -11.37 -16.22
C PRO A 194 9.13 -10.24 -16.76
N LYS A 195 10.42 -10.33 -16.49
CA LYS A 195 11.36 -9.35 -16.98
C LYS A 195 11.22 -9.18 -18.50
N ASN A 196 11.05 -10.28 -19.20
CA ASN A 196 10.76 -10.22 -20.64
C ASN A 196 9.34 -10.72 -20.92
N ARG A 197 8.47 -9.78 -21.26
CA ARG A 197 7.06 -10.13 -21.50
C ARG A 197 6.89 -10.55 -22.95
N GLU A 198 6.48 -11.80 -23.18
CA GLU A 198 6.53 -12.37 -24.54
C GLU A 198 5.41 -11.83 -25.43
N ALA A 199 4.26 -11.47 -24.82
CA ALA A 199 3.14 -10.89 -25.53
C ALA A 199 3.22 -9.37 -25.63
N SER A 200 4.39 -8.78 -25.46
CA SER A 200 4.53 -7.34 -25.53
C SER A 200 5.28 -7.00 -26.82
N PRO A 201 4.60 -6.35 -27.79
CA PRO A 201 5.18 -6.28 -29.13
C PRO A 201 6.52 -5.57 -29.18
N HIS A 202 7.50 -6.20 -29.82
CA HIS A 202 8.81 -5.66 -29.98
C HIS A 202 9.27 -5.93 -31.40
N LEU A 203 9.90 -4.94 -32.03
CA LEU A 203 10.52 -5.12 -33.34
C LEU A 203 12.01 -5.34 -33.09
N VAL A 204 12.53 -6.45 -33.61
CA VAL A 204 13.96 -6.78 -33.52
C VAL A 204 14.47 -7.02 -34.93
N ALA A 205 15.58 -6.38 -35.26
CA ALA A 205 16.11 -6.42 -36.61
C ALA A 205 17.58 -6.09 -36.61
N SER A 206 18.26 -6.60 -37.64
CA SER A 206 19.70 -6.47 -37.77
C SER A 206 20.15 -6.57 -39.21
N THR A 207 21.14 -5.76 -39.57
CA THR A 207 21.83 -5.91 -40.83
C THR A 207 23.21 -6.52 -40.71
N TYR A 208 23.58 -7.02 -39.51
CA TYR A 208 24.77 -7.85 -39.46
C TYR A 208 24.50 -9.16 -40.27
N PRO A 209 25.55 -9.85 -40.73
CA PRO A 209 25.35 -11.05 -41.51
C PRO A 209 24.64 -12.16 -40.73
N SER A 210 24.85 -12.14 -39.41
CA SER A 210 24.25 -13.10 -38.49
C SER A 210 24.43 -12.59 -37.07
N GLY A 211 23.70 -13.18 -36.14
CA GLY A 211 23.87 -12.90 -34.69
C GLY A 211 25.28 -13.17 -34.24
N LYS A 212 25.82 -14.28 -34.70
CA LYS A 212 27.20 -14.66 -34.41
C LYS A 212 28.19 -13.61 -34.91
N ALA A 213 27.99 -13.13 -36.14
CA ALA A 213 28.83 -12.08 -36.72
C ALA A 213 28.74 -10.76 -35.92
N ALA A 214 27.55 -10.43 -35.45
CA ALA A 214 27.37 -9.28 -34.58
C ALA A 214 28.26 -9.39 -33.33
N LEU A 215 28.21 -10.55 -32.68
CA LEU A 215 29.03 -10.81 -31.49
C LEU A 215 30.53 -10.82 -31.80
N ALA A 216 30.90 -11.37 -32.95
CA ALA A 216 32.33 -11.42 -33.38
C ALA A 216 32.82 -10.01 -33.67
N THR A 217 31.97 -9.21 -34.30
CA THR A 217 32.34 -7.82 -34.47
C THR A 217 32.56 -7.09 -33.15
N LEU A 218 31.68 -7.29 -32.18
CA LEU A 218 31.87 -6.70 -30.86
C LEU A 218 33.19 -7.13 -30.25
N ASP A 219 33.46 -8.42 -30.31
CA ASP A 219 34.68 -8.95 -29.76
C ASP A 219 35.92 -8.31 -30.39
N LYS A 220 35.91 -8.17 -31.72
CA LYS A 220 37.07 -7.58 -32.43
C LYS A 220 37.31 -6.17 -31.95
N ARG A 221 36.24 -5.42 -31.80
CA ARG A 221 36.32 -4.04 -31.35
CA ARG A 221 36.36 -4.04 -31.34
C ARG A 221 36.80 -3.99 -29.90
N LEU A 222 36.32 -4.93 -29.09
CA LEU A 222 36.77 -4.98 -27.69
C LEU A 222 38.28 -5.18 -27.63
N LYS A 223 38.78 -6.03 -28.53
CA LYS A 223 40.19 -6.45 -28.54
C LYS A 223 41.11 -5.45 -29.23
N GLU A 224 40.56 -4.39 -29.81
CA GLU A 224 41.36 -3.39 -30.49
C GLU A 224 42.37 -2.67 -29.60
N SER A 225 42.10 -2.42 -28.32
CA SER A 225 43.18 -1.84 -27.45
C SER A 225 44.15 -2.93 -26.98
N GLN A 226 45.44 -2.61 -26.88
CA GLN A 226 46.46 -3.58 -26.42
C GLN A 226 46.25 -4.04 -24.97
N GLY A 227 45.69 -3.18 -24.09
CA GLY A 227 45.46 -3.58 -22.69
C GLY A 227 46.74 -4.04 -21.99
N TYR A 228 47.87 -3.50 -22.41
CA TYR A 228 49.18 -3.93 -21.90
C TYR A 228 49.29 -3.80 -20.38
N GLU A 229 48.97 -2.62 -19.86
CA GLU A 229 49.01 -2.39 -18.44
C GLU A 229 48.06 -3.31 -17.66
N SER A 230 46.84 -3.48 -18.18
CA SER A 230 45.83 -4.28 -17.52
C SER A 230 46.32 -5.73 -17.40
N LYS A 231 46.91 -6.25 -18.48
CA LYS A 231 47.45 -7.60 -18.45
C LYS A 231 48.62 -7.71 -17.48
N THR A 232 49.53 -6.75 -17.52
CA THR A 232 50.74 -6.80 -16.69
C THR A 232 50.32 -6.69 -15.25
N PHE A 233 49.42 -5.75 -14.97
CA PHE A 233 48.89 -5.57 -13.60
C PHE A 233 48.21 -6.83 -13.06
N ALA A 234 47.45 -7.50 -13.92
CA ALA A 234 46.74 -8.75 -13.55
C ALA A 234 47.74 -9.81 -13.11
N GLN A 235 48.83 -9.91 -13.87
CA GLN A 235 49.91 -10.84 -13.54
C GLN A 235 50.62 -10.49 -12.24
N PHE A 236 51.01 -9.22 -12.08
CA PHE A 236 51.60 -8.78 -10.82
C PHE A 236 50.68 -9.07 -9.64
N LEU A 237 49.39 -8.84 -9.81
CA LEU A 237 48.42 -8.98 -8.72
C LEU A 237 48.26 -10.43 -8.28
N THR A 238 48.50 -11.37 -9.18
CA THR A 238 48.18 -12.76 -8.92
C THR A 238 49.41 -13.66 -8.94
N ASP A 239 50.60 -13.07 -9.03
CA ASP A 239 51.82 -13.86 -9.10
CA ASP A 239 51.89 -13.78 -9.04
C ASP A 239 52.09 -14.69 -7.84
N LYS A 240 51.74 -14.19 -6.65
CA LYS A 240 51.94 -14.95 -5.42
C LYS A 240 50.98 -16.14 -5.29
N SER A 241 49.72 -15.95 -5.71
CA SER A 241 48.61 -16.87 -5.35
C SER A 241 48.85 -18.35 -5.61
N GLY A 242 48.38 -19.17 -4.66
CA GLY A 242 48.36 -20.59 -4.85
C GLY A 242 47.35 -20.88 -5.94
N ASN A 243 46.09 -21.03 -5.56
CA ASN A 243 45.15 -21.64 -6.46
C ASN A 243 44.46 -20.68 -7.43
N GLU A 244 43.87 -21.26 -8.46
CA GLU A 244 43.19 -20.49 -9.48
C GLU A 244 42.02 -19.67 -8.95
N GLN A 245 41.33 -20.19 -7.93
CA GLN A 245 40.20 -19.48 -7.40
C GLN A 245 40.65 -18.17 -6.75
N GLU A 246 41.80 -18.21 -6.09
CA GLU A 246 42.32 -17.04 -5.39
C GLU A 246 42.60 -15.97 -6.44
N LYS A 247 43.15 -16.38 -7.58
CA LYS A 247 43.45 -15.44 -8.65
C LYS A 247 42.19 -14.74 -9.17
N VAL A 248 41.12 -15.50 -9.37
CA VAL A 248 39.84 -14.91 -9.80
C VAL A 248 39.38 -13.91 -8.74
N ASN A 249 39.45 -14.31 -7.47
CA ASN A 249 38.98 -13.42 -6.40
C ASN A 249 39.75 -12.12 -6.33
N ILE A 250 41.06 -12.20 -6.48
CA ILE A 250 41.91 -11.02 -6.45
C ILE A 250 41.50 -10.05 -7.59
N ILE A 251 41.33 -10.59 -8.79
CA ILE A 251 41.03 -9.75 -9.96
C ILE A 251 39.61 -9.15 -9.82
N ARG A 252 38.64 -10.01 -9.58
CA ARG A 252 37.26 -9.56 -9.38
C ARG A 252 37.15 -8.50 -8.29
N ASP A 253 37.76 -8.73 -7.15
CA ASP A 253 37.68 -7.80 -6.02
C ASP A 253 38.39 -6.51 -6.36
N HIS A 254 39.54 -6.58 -7.02
CA HIS A 254 40.19 -5.35 -7.43
C HIS A 254 39.28 -4.48 -8.29
N ILE A 255 38.60 -5.10 -9.24
CA ILE A 255 37.71 -4.36 -10.12
C ILE A 255 36.50 -3.85 -9.38
N LEU A 256 35.85 -4.70 -8.60
CA LEU A 256 34.69 -4.30 -7.80
C LEU A 256 35.03 -3.15 -6.86
N ASN A 257 36.21 -3.20 -6.25
CA ASN A 257 36.58 -2.19 -5.26
C ASN A 257 37.05 -0.88 -5.86
N ASN A 258 37.44 -0.88 -7.11
CA ASN A 258 38.10 0.29 -7.68
C ASN A 258 37.42 0.92 -8.88
N LEU A 259 36.40 0.30 -9.43
CA LEU A 259 35.70 0.86 -10.60
C LEU A 259 34.25 1.00 -10.25
N SER A 260 33.68 2.16 -10.54
CA SER A 260 32.25 2.31 -10.41
C SER A 260 31.63 2.07 -11.80
N THR A 261 30.38 1.61 -11.81
CA THR A 261 29.72 1.30 -13.08
C THR A 261 28.93 2.49 -13.56
N CYS A 262 29.19 2.87 -14.80
CA CYS A 262 28.54 3.98 -15.45
CA CYS A 262 28.49 3.99 -15.44
C CYS A 262 27.51 3.41 -16.43
N PRO A 263 26.22 3.54 -16.13
CA PRO A 263 25.23 2.87 -17.00
C PRO A 263 24.93 3.57 -18.35
N ILE A 264 25.92 3.68 -19.21
CA ILE A 264 25.74 4.28 -20.52
CA ILE A 264 25.78 4.29 -20.54
C ILE A 264 25.36 3.18 -21.50
N PRO A 265 24.17 3.32 -22.14
CA PRO A 265 23.74 2.32 -23.09
C PRO A 265 24.79 2.18 -24.18
N ALA A 267 24.49 1.80 -27.33
CA ALA A 267 24.16 2.62 -28.49
C ALA A 267 24.79 4.00 -28.37
N THR A 269 27.53 4.68 -27.10
CA THR A 269 28.98 4.63 -27.30
C THR A 269 29.31 4.02 -28.68
N GLY A 270 28.35 3.92 -29.57
CA GLY A 270 28.61 3.24 -30.85
C GLY A 270 29.01 1.78 -30.70
N TYR A 271 28.53 1.13 -29.63
CA TYR A 271 28.89 -0.26 -29.34
C TYR A 271 30.42 -0.47 -29.22
N THR A 272 31.11 0.43 -28.54
CA THR A 272 32.49 0.06 -28.22
CA THR A 272 32.56 0.49 -28.36
C THR A 272 32.89 0.62 -26.86
N VAL A 273 34.19 0.55 -26.60
CA VAL A 273 34.75 0.76 -25.28
C VAL A 273 35.85 1.75 -25.41
N ARG A 274 36.17 2.45 -24.33
CA ARG A 274 37.41 3.20 -24.29
C ARG A 274 38.54 2.20 -24.29
N ASP A 275 39.72 2.69 -24.63
CA ASP A 275 40.91 1.92 -24.49
C ASP A 275 40.95 1.28 -23.09
N ILE A 276 41.18 -0.03 -23.02
CA ILE A 276 40.96 -0.74 -21.75
C ILE A 276 41.89 -0.29 -20.61
N ASP A 277 43.14 0.06 -20.93
CA ASP A 277 44.05 0.65 -19.91
C ASP A 277 43.54 2.00 -19.38
N THR A 278 42.85 2.76 -20.22
CA THR A 278 42.27 4.03 -19.82
C THR A 278 41.08 3.80 -18.87
N VAL A 279 40.28 2.77 -19.17
CA VAL A 279 39.18 2.37 -18.28
C VAL A 279 39.76 2.10 -16.92
N LEU A 280 40.74 1.20 -16.88
CA LEU A 280 41.45 0.81 -15.67
C LEU A 280 41.87 2.06 -14.88
N ARG A 281 42.62 2.97 -15.49
CA ARG A 281 43.05 4.18 -14.79
C ARG A 281 41.94 5.15 -14.35
N SER A 282 40.81 5.20 -15.07
CA SER A 282 39.79 6.21 -14.78
C SER A 282 38.90 5.88 -13.60
N ALA A 283 38.81 4.61 -13.21
CA ALA A 283 37.96 4.25 -12.08
C ALA A 283 36.43 4.35 -12.28
N TYR A 284 35.99 4.46 -13.52
CA TYR A 284 34.59 4.20 -13.84
C TYR A 284 34.60 3.48 -15.18
N GLY A 285 33.55 2.71 -15.45
CA GLY A 285 33.40 2.05 -16.73
C GLY A 285 31.95 1.67 -16.98
N THR A 286 31.60 1.57 -18.25
CA THR A 286 30.32 1.04 -18.66
C THR A 286 30.34 -0.45 -18.37
N PRO A 287 29.15 -1.10 -18.31
CA PRO A 287 29.14 -2.56 -18.15
C PRO A 287 30.01 -3.29 -19.15
N LEU A 288 30.01 -2.81 -20.40
CA LEU A 288 30.77 -3.42 -21.47
C LEU A 288 32.27 -3.27 -21.20
N GLU A 289 32.68 -2.08 -20.81
CA GLU A 289 34.09 -1.81 -20.46
C GLU A 289 34.54 -2.67 -19.28
N ILE A 290 33.71 -2.76 -18.24
CA ILE A 290 34.06 -3.55 -17.08
C ILE A 290 34.16 -5.03 -17.40
N ALA A 291 33.21 -5.52 -18.17
CA ALA A 291 33.26 -6.91 -18.61
C ALA A 291 34.55 -7.23 -19.36
N GLN A 292 34.98 -6.36 -20.25
CA GLN A 292 36.19 -6.60 -21.06
C GLN A 292 37.44 -6.46 -20.21
N LEU A 293 37.45 -5.50 -19.30
CA LEU A 293 38.59 -5.33 -18.39
C LEU A 293 38.83 -6.60 -17.54
N LEU A 294 37.76 -7.10 -16.96
CA LEU A 294 37.81 -8.31 -16.15
C LEU A 294 38.28 -9.50 -17.02
N ASN A 295 37.67 -9.66 -18.19
CA ASN A 295 38.09 -10.69 -19.14
C ASN A 295 39.59 -10.63 -19.50
N VAL A 296 40.07 -9.43 -19.84
CA VAL A 296 41.49 -9.24 -20.19
C VAL A 296 42.39 -9.61 -19.01
N LEU A 298 41.62 -11.47 -16.19
CA LEU A 298 41.53 -12.92 -15.90
C LEU A 298 42.39 -13.74 -16.86
N ASN A 299 42.24 -13.52 -18.17
CA ASN A 299 43.05 -14.25 -19.13
C ASN A 299 44.54 -14.02 -18.93
N ALA A 300 44.94 -12.79 -18.64
CA ALA A 300 46.35 -12.47 -18.46
C ALA A 300 46.88 -13.20 -17.24
N ALA A 301 46.01 -13.45 -16.27
CA ALA A 301 46.35 -14.16 -15.05
C ALA A 301 46.32 -15.69 -15.16
N GLY A 302 46.06 -16.25 -16.34
CA GLY A 302 46.05 -17.69 -16.53
C GLY A 302 44.69 -18.32 -16.29
N ILE A 303 43.61 -17.52 -16.29
CA ILE A 303 42.23 -18.06 -16.10
C ILE A 303 41.49 -17.90 -17.43
N PRO A 304 41.29 -19.02 -18.14
CA PRO A 304 40.64 -18.85 -19.42
C PRO A 304 39.24 -18.27 -19.22
N SER A 305 38.97 -17.16 -19.91
CA SER A 305 37.77 -16.38 -19.69
C SER A 305 37.22 -15.81 -21.00
N GLU A 306 35.93 -15.55 -21.01
CA GLU A 306 35.25 -14.94 -22.16
C GLU A 306 34.08 -14.07 -21.72
N VAL A 307 33.79 -13.03 -22.48
CA VAL A 307 32.61 -12.20 -22.27
C VAL A 307 31.38 -12.96 -22.81
N LEU A 308 30.27 -12.82 -22.09
CA LEU A 308 29.00 -13.42 -22.48
C LEU A 308 27.96 -12.33 -22.64
N ALA A 309 27.11 -12.51 -23.63
CA ALA A 309 25.95 -11.68 -23.85
C ALA A 309 24.70 -12.45 -23.39
N VAL A 310 23.80 -11.76 -22.71
CA VAL A 310 22.54 -12.34 -22.25
C VAL A 310 21.38 -11.70 -22.98
N TYR A 311 20.61 -12.53 -23.66
CA TYR A 311 19.44 -12.13 -24.41
C TYR A 311 18.19 -12.67 -23.74
N PRO A 312 17.04 -12.03 -24.03
CA PRO A 312 15.76 -12.62 -23.66
C PRO A 312 15.63 -14.00 -24.23
N GLY A 313 14.96 -14.86 -23.48
CA GLY A 313 14.91 -16.24 -23.83
C GLY A 313 14.04 -16.59 -25.01
N HIS A 314 13.12 -15.75 -25.41
CA HIS A 314 12.18 -16.05 -26.50
CA HIS A 314 12.31 -16.24 -26.54
C HIS A 314 12.72 -15.62 -27.89
N LEU A 315 13.91 -15.02 -27.93
CA LEU A 315 14.40 -14.41 -29.18
C LEU A 315 15.19 -15.39 -30.03
N ASP A 316 15.08 -15.22 -31.34
CA ASP A 316 15.93 -15.95 -32.25
C ASP A 316 17.22 -15.18 -32.33
N THR A 317 18.25 -15.67 -31.63
CA THR A 317 19.50 -14.92 -31.53
C THR A 317 20.35 -15.04 -32.80
N ASP A 318 19.99 -15.90 -33.75
CA ASP A 318 20.61 -15.87 -35.08
C ASP A 318 20.22 -14.60 -35.83
N ALA A 319 19.05 -14.07 -35.50
CA ALA A 319 18.44 -12.95 -36.25
C ALA A 319 18.47 -11.64 -35.47
N CYS A 320 19.17 -11.56 -34.36
CA CYS A 320 19.28 -10.26 -33.76
C CYS A 320 20.70 -9.74 -33.66
N GLY A 321 20.81 -8.45 -33.40
CA GLY A 321 22.11 -7.78 -33.23
C GLY A 321 22.39 -7.57 -31.75
N LEU A 322 23.15 -6.53 -31.47
CA LEU A 322 23.57 -6.23 -30.11
C LEU A 322 22.50 -5.48 -29.30
N ALA A 323 21.55 -4.85 -29.98
CA ALA A 323 20.51 -4.06 -29.32
C ALA A 323 19.60 -4.92 -28.45
N ALA A 324 19.45 -6.20 -28.79
CA ALA A 324 18.67 -7.12 -28.01
C ALA A 324 19.42 -7.64 -26.73
N ILE A 325 20.71 -7.33 -26.55
CA ILE A 325 21.46 -7.80 -25.38
C ILE A 325 20.94 -7.05 -24.14
N GLN A 326 20.60 -7.78 -23.07
CA GLN A 326 20.10 -7.19 -21.83
C GLN A 326 21.13 -7.10 -20.76
N THR A 327 22.09 -8.02 -20.68
CA THR A 327 23.12 -8.02 -19.65
CA THR A 327 23.19 -7.86 -19.74
C THR A 327 24.42 -8.61 -20.21
N LEU A 328 25.54 -8.28 -19.58
CA LEU A 328 26.82 -8.87 -19.87
C LEU A 328 27.35 -9.60 -18.64
N ALA A 329 28.14 -10.64 -18.88
CA ALA A 329 28.80 -11.39 -17.85
C ALA A 329 30.14 -11.87 -18.38
N VAL A 330 30.92 -12.46 -17.50
CA VAL A 330 32.17 -13.05 -17.86
C VAL A 330 32.15 -14.49 -17.35
N LYS A 331 32.58 -15.41 -18.21
CA LYS A 331 32.77 -16.80 -17.85
C LYS A 331 34.27 -16.97 -17.52
N ALA A 332 34.56 -17.61 -16.38
CA ALA A 332 35.95 -17.94 -15.98
C ALA A 332 36.07 -19.43 -15.72
N THR A 333 37.04 -20.08 -16.34
CA THR A 333 37.24 -21.52 -16.14
C THR A 333 38.30 -21.71 -15.06
N VAL A 334 37.88 -22.25 -13.91
CA VAL A 334 38.74 -22.38 -12.74
C VAL A 334 38.89 -23.88 -12.45
N ASP A 335 40.11 -24.40 -12.63
CA ASP A 335 40.34 -25.86 -12.46
C ASP A 335 39.30 -26.68 -13.26
N GLY A 336 39.11 -26.32 -14.52
CA GLY A 336 38.25 -27.13 -15.40
C GLY A 336 36.74 -26.94 -15.21
N LYS A 337 36.35 -26.01 -14.33
CA LYS A 337 34.92 -25.75 -14.03
C LYS A 337 34.60 -24.26 -14.20
N ASP A 338 33.57 -23.97 -14.96
CA ASP A 338 33.21 -22.60 -15.23
C ASP A 338 32.45 -21.96 -14.10
N GLN A 339 32.72 -20.66 -13.87
CA GLN A 339 31.89 -19.85 -13.00
C GLN A 339 31.63 -18.55 -13.72
N TYR A 340 30.52 -17.93 -13.38
CA TYR A 340 30.06 -16.73 -14.06
C TYR A 340 30.16 -15.51 -13.15
N LEU A 341 30.71 -14.42 -13.69
CA LEU A 341 30.83 -13.17 -12.96
CA LEU A 341 30.82 -13.16 -12.96
C LEU A 341 29.90 -12.13 -13.60
N SER A 342 29.00 -11.59 -12.79
CA SER A 342 27.99 -10.61 -13.20
C SER A 342 27.41 -9.95 -11.94
N ALA A 343 26.67 -8.87 -12.15
CA ALA A 343 26.16 -8.08 -11.03
C ALA A 343 25.18 -8.97 -10.27
N SER A 344 24.34 -9.69 -11.00
CA SER A 344 23.45 -10.67 -10.42
C SER A 344 23.75 -12.06 -11.00
N PRO A 345 23.65 -13.12 -10.17
CA PRO A 345 24.09 -14.44 -10.69
C PRO A 345 23.29 -14.90 -11.89
N LEU A 346 23.99 -15.36 -12.94
CA LEU A 346 23.29 -15.88 -14.12
C LEU A 346 22.38 -17.04 -13.77
N THR A 347 22.76 -17.80 -12.75
CA THR A 347 21.98 -18.96 -12.33
C THR A 347 20.67 -18.59 -11.59
N ASN A 348 20.44 -17.31 -11.31
CA ASN A 348 19.15 -16.90 -10.76
C ASN A 348 18.03 -17.06 -11.76
N ARG A 349 18.25 -16.59 -12.98
CA ARG A 349 17.23 -16.73 -14.02
C ARG A 349 17.46 -17.97 -14.88
N GLY A 350 18.69 -18.49 -14.88
CA GLY A 350 19.00 -19.70 -15.61
C GLY A 350 18.53 -19.67 -17.04
N GLY A 351 17.79 -20.73 -17.39
CA GLY A 351 17.25 -20.91 -18.71
C GLY A 351 16.07 -20.02 -19.11
N LEU A 352 15.65 -19.07 -18.27
CA LEU A 352 14.73 -18.03 -18.72
C LEU A 352 15.35 -17.17 -19.85
N ASP A 353 16.67 -17.07 -19.85
CA ASP A 353 17.40 -16.23 -20.79
C ASP A 353 18.33 -17.09 -21.65
N LYS A 354 18.77 -16.51 -22.75
CA LYS A 354 19.70 -17.16 -23.66
CA LYS A 354 19.69 -17.15 -23.66
C LYS A 354 21.05 -16.48 -23.48
N VAL A 355 22.05 -17.28 -23.19
CA VAL A 355 23.39 -16.76 -22.90
C VAL A 355 24.32 -17.23 -24.00
N VAL A 356 25.02 -16.31 -24.63
CA VAL A 356 25.92 -16.65 -25.74
C VAL A 356 27.26 -15.99 -25.55
N SER A 357 28.36 -16.74 -25.64
CA SER A 357 29.69 -16.16 -25.59
C SER A 357 29.94 -15.28 -26.85
N LEU A 358 30.85 -14.32 -26.77
CA LEU A 358 31.21 -13.49 -27.93
C LEU A 358 31.85 -14.24 -29.11
N SER A 359 32.36 -15.44 -28.82
CA SER A 359 32.82 -16.34 -29.87
C SER A 359 31.63 -17.14 -30.40
N GLY A 360 30.42 -16.94 -29.91
CA GLY A 360 29.21 -17.50 -30.54
C GLY A 360 28.59 -18.79 -30.04
N THR A 361 29.04 -19.29 -28.90
CA THR A 361 28.53 -20.52 -28.32
C THR A 361 27.42 -20.23 -27.32
N SER A 362 26.26 -20.85 -27.54
CA SER A 362 25.16 -20.80 -26.60
C SER A 362 25.54 -21.62 -25.35
N ILE A 363 25.13 -21.13 -24.20
CA ILE A 363 25.42 -21.81 -22.92
C ILE A 363 24.12 -22.11 -22.18
N GLU A 364 23.91 -23.37 -21.88
CA GLU A 364 22.72 -23.80 -21.15
CA GLU A 364 22.69 -23.76 -21.15
C GLU A 364 22.94 -23.55 -19.65
N ILE A 365 22.65 -22.34 -19.18
CA ILE A 365 22.94 -21.96 -17.79
C ILE A 365 21.94 -22.70 -16.91
N GLU A 366 22.43 -23.31 -15.85
CA GLU A 366 21.53 -23.99 -14.89
C GLU A 366 20.82 -22.96 -14.00
N THR A 367 19.69 -23.37 -13.46
CA THR A 367 18.89 -22.54 -12.59
C THR A 367 19.17 -23.03 -11.18
N THR A 368 19.77 -22.19 -10.34
CA THR A 368 20.26 -22.59 -9.01
C THR A 368 19.54 -21.74 -7.96
N PRO A 369 18.91 -22.37 -6.95
CA PRO A 369 18.34 -21.59 -5.85
C PRO A 369 19.36 -20.80 -5.06
N ILE A 370 18.99 -19.59 -4.67
CA ILE A 370 19.76 -18.86 -3.67
C ILE A 370 19.48 -19.55 -2.35
N GLN A 371 20.53 -19.69 -1.55
CA GLN A 371 20.44 -20.39 -0.27
C GLN A 371 20.65 -19.39 0.81
N ILE A 372 19.68 -19.25 1.72
CA ILE A 372 19.81 -18.36 2.88
C ILE A 372 19.71 -19.15 4.19
N LYS A 373 20.67 -18.91 5.07
CA LYS A 373 20.68 -19.59 6.37
C LYS A 373 21.12 -18.58 7.39
N GLU A 374 20.22 -18.22 8.29
CA GLU A 374 20.52 -17.23 9.31
C GLU A 374 20.02 -17.65 10.69
N SER A 375 20.58 -16.96 11.68
CA SER A 375 20.30 -17.19 13.10
C SER A 375 20.05 -15.86 13.79
N ARG A 376 19.13 -15.86 14.74
CA ARG A 376 18.89 -14.70 15.58
C ARG A 376 18.67 -15.16 17.02
N SER A 377 19.11 -14.33 17.97
CA SER A 377 18.85 -14.57 19.38
C SER A 377 17.83 -13.55 19.86
N VAL A 378 16.93 -14.00 20.72
CA VAL A 378 15.90 -13.15 21.26
C VAL A 378 15.72 -13.41 22.77
N ALA A 379 15.83 -12.34 23.55
CA ALA A 379 15.55 -12.38 24.98
C ALA A 379 14.17 -11.77 25.24
N ILE A 380 13.43 -12.31 26.18
CA ILE A 380 12.19 -11.67 26.59
C ILE A 380 12.20 -11.51 28.09
N SER A 381 11.98 -10.28 28.55
CA SER A 381 11.95 -9.94 29.97
C SER A 381 10.57 -10.13 30.58
N ALA A 382 10.54 -10.40 31.90
CA ALA A 382 9.31 -10.35 32.70
C ALA A 382 8.81 -8.89 32.75
N ASP A 383 9.68 -7.95 32.37
CA ASP A 383 9.28 -6.55 32.15
C ASP A 383 8.13 -6.54 31.15
N GLN A 384 8.40 -7.04 29.96
CA GLN A 384 7.44 -7.02 28.84
C GLN A 384 6.12 -7.77 29.07
N ALA A 385 5.96 -8.50 30.19
CA ALA A 385 4.74 -9.29 30.44
C ALA A 385 4.01 -9.00 31.75
N LYS A 386 4.29 -7.84 32.39
CA LYS A 386 3.65 -7.47 33.67
C LYS A 386 2.10 -7.41 33.60
N ASP A 387 1.54 -7.08 32.44
CA ASP A 387 0.09 -6.89 32.25
C ASP A 387 -0.65 -8.15 31.74
N GLY A 388 -0.04 -9.30 32.00
CA GLY A 388 -0.65 -10.58 31.73
C GLY A 388 0.09 -11.33 30.67
N PHE A 389 0.47 -10.65 29.60
CA PHE A 389 1.05 -11.31 28.44
C PHE A 389 2.26 -10.59 27.89
N ALA A 390 3.12 -11.33 27.22
CA ALA A 390 4.23 -10.78 26.48
C ALA A 390 4.07 -11.27 25.06
N ILE A 391 3.99 -10.35 24.10
CA ILE A 391 3.91 -10.66 22.67
C ILE A 391 5.30 -10.53 22.08
N CYS A 392 5.94 -11.66 21.81
CA CYS A 392 7.30 -11.69 21.29
C CYS A 392 7.28 -11.79 19.76
N VAL A 393 7.63 -10.71 19.06
CA VAL A 393 7.71 -10.75 17.61
C VAL A 393 9.13 -11.15 17.23
N LEU A 394 9.30 -12.33 16.64
CA LEU A 394 10.63 -12.76 16.21
C LEU A 394 11.02 -11.85 15.03
N PRO A 395 12.22 -11.25 15.06
CA PRO A 395 12.50 -10.27 14.00
C PRO A 395 12.64 -10.88 12.60
N ALA A 396 12.13 -10.20 11.58
CA ALA A 396 12.32 -10.64 10.21
C ALA A 396 13.77 -10.43 9.81
N ILE A 397 14.29 -11.28 8.94
CA ILE A 397 15.61 -11.04 8.35
C ILE A 397 15.42 -10.18 7.10
N SER A 398 16.53 -9.69 6.54
CA SER A 398 16.53 -8.77 5.38
C SER A 398 16.74 -9.43 4.03
N ALA A 399 17.72 -10.32 4.00
CA ALA A 399 18.13 -10.97 2.77
C ALA A 399 17.06 -11.96 2.30
N GLY A 400 16.97 -12.15 0.99
CA GLY A 400 16.07 -13.14 0.45
C GLY A 400 14.68 -12.61 0.19
N ILE A 401 13.67 -13.48 0.39
CA ILE A 401 12.32 -13.17 0.00
C ILE A 401 11.84 -11.91 0.71
N ASP A 402 12.32 -11.69 1.93
CA ASP A 402 11.91 -10.50 2.69
C ASP A 402 12.32 -9.19 2.05
N SER A 403 13.28 -9.21 1.12
CA SER A 403 13.65 -8.02 0.38
C SER A 403 12.91 -7.90 -0.99
N TRP A 404 12.08 -8.88 -1.34
CA TRP A 404 11.46 -8.90 -2.67
C TRP A 404 10.28 -7.95 -2.84
N GLY A 405 9.81 -7.33 -1.76
CA GLY A 405 8.74 -6.37 -1.86
C GLY A 405 7.38 -7.02 -2.05
N SER A 407 5.27 -8.40 0.42
CA SER A 407 4.53 -8.62 1.67
C SER A 407 3.05 -8.28 1.50
N ALA A 408 2.67 -7.61 0.40
CA ALA A 408 1.28 -7.30 0.15
C ALA A 408 0.82 -7.70 -1.26
N LEU A 409 0.86 -8.99 -1.57
CA LEU A 409 0.46 -9.49 -2.87
C LEU A 409 -1.06 -9.45 -3.06
N ASN A 410 -1.52 -8.95 -4.19
CA ASN A 410 -2.95 -8.99 -4.54
C ASN A 410 -3.44 -10.43 -4.67
N SER A 411 -4.72 -10.66 -4.41
CA SER A 411 -5.28 -12.01 -4.52
C SER A 411 -5.62 -12.33 -5.97
N LYS A 412 -5.82 -11.31 -6.78
CA LYS A 412 -6.17 -11.51 -8.17
C LYS A 412 -4.93 -11.21 -9.03
N ARG A 413 -4.84 -11.89 -10.15
CA ARG A 413 -3.70 -11.73 -11.01
C ARG A 413 -4.10 -12.03 -12.43
N SER A 414 -3.72 -11.16 -13.36
CA SER A 414 -4.03 -11.35 -14.75
C SER A 414 -2.82 -11.76 -15.57
N ASN A 415 -1.62 -11.37 -15.15
CA ASN A 415 -0.40 -11.67 -15.92
C ASN A 415 0.47 -12.69 -15.22
N LEU A 416 1.43 -13.24 -15.95
CA LEU A 416 2.42 -14.11 -15.36
C LEU A 416 3.08 -13.44 -14.22
N PHE A 417 3.38 -14.25 -13.21
CA PHE A 417 4.05 -13.85 -12.00
C PHE A 417 5.45 -14.45 -11.99
N GLU A 418 6.48 -13.65 -11.77
CA GLU A 418 7.87 -14.13 -11.83
C GLU A 418 8.65 -13.76 -10.62
N LEU A 419 9.38 -14.73 -10.07
CA LEU A 419 10.25 -14.51 -8.93
C LEU A 419 11.65 -14.14 -9.40
N PRO A 420 12.40 -13.36 -8.59
CA PRO A 420 13.76 -13.00 -8.99
C PRO A 420 14.67 -14.24 -9.13
N SER A 421 14.43 -15.25 -8.30
CA SER A 421 15.21 -16.50 -8.32
C SER A 421 14.44 -17.59 -7.62
N LEU A 422 14.89 -18.82 -7.79
CA LEU A 422 14.48 -19.87 -6.86
C LEU A 422 15.18 -19.57 -5.54
N ILE A 423 14.65 -20.09 -4.43
CA ILE A 423 15.22 -19.76 -3.16
C ILE A 423 14.91 -20.85 -2.14
N ARG A 424 15.83 -20.96 -1.19
CA ARG A 424 15.67 -21.81 -0.02
CA ARG A 424 15.68 -21.81 -0.03
C ARG A 424 16.21 -21.06 1.16
N GLU A 425 15.36 -20.87 2.17
CA GLU A 425 15.78 -20.13 3.37
C GLU A 425 15.51 -20.90 4.65
N GLU A 426 16.43 -20.80 5.59
CA GLU A 426 16.22 -21.32 6.93
C GLU A 426 16.63 -20.26 7.93
N VAL A 427 15.72 -19.92 8.86
CA VAL A 427 16.03 -18.96 9.91
C VAL A 427 15.77 -19.64 11.25
N THR A 428 16.79 -19.65 12.10
CA THR A 428 16.71 -20.28 13.42
C THR A 428 16.75 -19.22 14.51
N TYR A 429 15.69 -19.17 15.32
CA TYR A 429 15.63 -18.20 16.41
C TYR A 429 15.89 -18.94 17.71
N THR A 430 16.77 -18.40 18.56
CA THR A 430 16.91 -18.96 19.89
C THR A 430 16.33 -17.92 20.84
N VAL A 431 15.25 -18.32 21.50
CA VAL A 431 14.49 -17.42 22.31
C VAL A 431 14.71 -17.80 23.79
N THR A 432 15.16 -16.83 24.58
CA THR A 432 15.29 -17.03 26.02
C THR A 432 14.28 -16.15 26.76
N PRO A 433 13.14 -16.74 27.16
CA PRO A 433 12.17 -15.98 27.96
C PRO A 433 12.62 -15.80 29.42
N ALA A 434 12.13 -14.74 30.06
CA ALA A 434 12.32 -14.51 31.51
C ALA A 434 11.80 -15.67 32.35
N GLU A 435 12.35 -15.81 33.54
CA GLU A 435 11.99 -16.92 34.45
C GLU A 435 10.50 -16.89 34.73
N GLY A 436 9.86 -18.06 34.66
CA GLY A 436 8.43 -18.15 34.95
C GLY A 436 7.47 -17.67 33.85
N LYS A 438 5.33 -18.30 30.59
CA LYS A 438 4.72 -19.52 30.10
C LYS A 438 4.36 -19.35 28.62
N LEU A 439 4.80 -20.30 27.80
CA LEU A 439 4.57 -20.22 26.36
C LEU A 439 3.14 -20.60 26.08
N GLN A 440 2.38 -19.67 25.50
CA GLN A 440 0.97 -19.93 25.17
C GLN A 440 0.79 -20.40 23.70
N THR A 441 1.66 -19.97 22.82
CA THR A 441 1.69 -20.48 21.45
C THR A 441 1.86 -21.99 21.38
N SER A 442 1.07 -22.66 20.54
CA SER A 442 1.23 -24.13 20.35
C SER A 442 2.64 -24.49 19.87
N THR A 443 3.18 -25.61 20.33
CA THR A 443 4.45 -26.11 19.78
C THR A 443 4.25 -27.06 18.59
N GLN A 444 3.02 -27.17 18.09
CA GLN A 444 2.75 -28.02 16.95
C GLN A 444 3.39 -27.40 15.69
N GLU A 445 3.97 -28.24 14.85
CA GLU A 445 4.61 -27.75 13.65
C GLU A 445 3.58 -27.20 12.68
N GLN A 446 3.90 -26.09 12.03
CA GLN A 446 3.05 -25.48 10.98
C GLN A 446 3.71 -25.66 9.63
N VAL A 447 2.99 -26.33 8.73
CA VAL A 447 3.47 -26.65 7.40
C VAL A 447 2.40 -26.30 6.38
N ILE A 448 2.82 -25.60 5.34
CA ILE A 448 2.01 -25.37 4.17
C ILE A 448 2.80 -25.90 2.96
N SER A 449 2.20 -26.84 2.26
CA SER A 449 2.88 -27.52 1.19
C SER A 449 2.07 -27.40 -0.10
N LYS A 450 2.73 -26.97 -1.16
CA LYS A 450 2.06 -26.73 -2.42
C LYS A 450 2.89 -27.35 -3.51
N PRO A 451 2.37 -27.40 -4.73
CA PRO A 451 3.12 -28.09 -5.77
C PRO A 451 4.53 -27.51 -6.04
N PHE A 452 4.76 -26.23 -5.79
CA PHE A 452 6.05 -25.64 -6.18
C PHE A 452 6.81 -25.08 -5.00
N GLY A 453 6.40 -25.42 -3.78
CA GLY A 453 7.19 -25.04 -2.61
C GLY A 453 6.57 -25.43 -1.29
N LYS A 454 7.18 -24.95 -0.21
CA LYS A 454 6.75 -25.35 1.14
C LYS A 454 7.31 -24.36 2.13
N VAL A 455 6.53 -24.07 3.16
CA VAL A 455 6.95 -23.22 4.27
C VAL A 455 6.69 -24.01 5.57
N THR A 456 7.66 -24.03 6.49
CA THR A 456 7.44 -24.69 7.75
C THR A 456 7.88 -23.81 8.90
N ARG A 457 7.30 -24.12 10.06
CA ARG A 457 7.70 -23.53 11.32
C ARG A 457 7.68 -24.63 12.38
N THR A 458 8.78 -24.79 13.09
CA THR A 458 8.81 -25.71 14.21
C THR A 458 9.18 -24.91 15.44
N ILE A 459 8.61 -25.28 16.58
CA ILE A 459 8.86 -24.57 17.83
C ILE A 459 9.20 -25.66 18.85
N THR A 460 10.41 -25.58 19.40
CA THR A 460 10.91 -26.64 20.26
CA THR A 460 10.94 -26.64 20.25
C THR A 460 11.56 -26.07 21.52
N PRO A 461 10.87 -26.22 22.66
CA PRO A 461 11.49 -25.80 23.92
C PRO A 461 12.74 -26.63 24.18
N ARG A 462 13.81 -25.97 24.62
CA ARG A 462 15.08 -26.63 24.95
C ARG A 462 15.70 -25.99 26.19
N GLY A 463 15.52 -26.62 27.35
CA GLY A 463 15.98 -26.05 28.61
C GLY A 463 15.14 -24.83 28.89
N ASN A 464 15.79 -23.72 29.23
CA ASN A 464 15.09 -22.45 29.32
C ASN A 464 15.26 -21.59 28.07
N THR A 465 15.45 -22.24 26.92
CA THR A 465 15.31 -21.55 25.62
C THR A 465 14.22 -22.22 24.82
N ILE A 466 13.74 -21.51 23.81
CA ILE A 466 12.85 -22.08 22.81
C ILE A 466 13.50 -21.81 21.46
N GLU A 467 13.62 -22.87 20.67
CA GLU A 467 14.14 -22.77 19.34
C GLU A 467 13.03 -22.74 18.33
N VAL A 468 12.99 -21.70 17.50
CA VAL A 468 12.01 -21.62 16.45
C VAL A 468 12.73 -21.71 15.11
N VAL A 469 12.39 -22.70 14.28
CA VAL A 469 13.00 -22.78 12.93
C VAL A 469 11.94 -22.51 11.85
N ARG A 470 12.18 -21.49 11.03
CA ARG A 470 11.32 -21.22 9.87
C ARG A 470 12.08 -21.56 8.60
N THR A 471 11.43 -22.30 7.70
CA THR A 471 11.96 -22.61 6.38
C THR A 471 10.98 -22.25 5.25
N ILE A 472 11.54 -21.84 4.11
CA ILE A 472 10.77 -21.69 2.86
C ILE A 472 11.59 -22.20 1.70
N GLU A 473 10.96 -22.93 0.77
CA GLU A 473 11.59 -23.23 -0.51
C GLU A 473 10.60 -22.89 -1.60
N LEU A 474 11.09 -22.21 -2.63
CA LEU A 474 10.31 -21.93 -3.80
C LEU A 474 11.08 -22.53 -4.98
N ASN A 475 10.42 -23.44 -5.69
CA ASN A 475 11.08 -24.29 -6.69
C ASN A 475 10.67 -24.06 -8.14
N LYS A 476 9.92 -23.01 -8.42
CA LYS A 476 9.52 -22.66 -9.79
C LYS A 476 9.62 -21.13 -9.85
N GLN A 477 9.96 -20.59 -11.03
CA GLN A 477 10.16 -19.18 -11.22
C GLN A 477 8.97 -18.40 -11.76
N GLN A 478 8.20 -19.02 -12.65
CA GLN A 478 7.09 -18.33 -13.29
C GLN A 478 5.80 -19.06 -13.09
N PHE A 479 4.76 -18.27 -12.91
CA PHE A 479 3.45 -18.78 -12.52
C PHE A 479 2.36 -18.10 -13.33
N THR A 480 1.47 -18.91 -13.89
CA THR A 480 0.30 -18.44 -14.56
C THR A 480 -0.68 -17.99 -13.48
N PRO A 481 -1.72 -17.23 -13.87
CA PRO A 481 -2.75 -16.83 -12.92
C PRO A 481 -3.41 -18.03 -12.24
N ALA A 482 -3.53 -19.16 -12.93
CA ALA A 482 -4.08 -20.41 -12.34
C ALA A 482 -3.17 -20.95 -11.23
N GLU A 483 -1.88 -20.69 -11.30
CA GLU A 483 -0.91 -21.20 -10.35
C GLU A 483 -0.60 -20.18 -9.26
N TYR A 484 -1.07 -18.96 -9.43
CA TYR A 484 -0.65 -17.85 -8.60
C TYR A 484 -1.11 -17.98 -7.16
N SER A 485 -2.33 -18.46 -6.94
CA SER A 485 -2.84 -18.54 -5.57
CA SER A 485 -2.87 -18.59 -5.58
C SER A 485 -1.97 -19.45 -4.68
N ASP A 486 -1.54 -20.58 -5.21
CA ASP A 486 -0.68 -21.48 -4.48
C ASP A 486 0.67 -20.88 -4.09
N VAL A 487 1.34 -20.14 -4.98
CA VAL A 487 2.62 -19.56 -4.60
C VAL A 487 2.40 -18.33 -3.68
N ARG A 488 1.32 -17.60 -3.91
CA ARG A 488 0.99 -16.48 -3.06
C ARG A 488 0.75 -16.95 -1.62
N SER A 489 0.07 -18.07 -1.45
CA SER A 489 -0.15 -18.56 -0.10
C SER A 489 1.18 -18.95 0.60
N LEU A 490 2.16 -19.46 -0.15
CA LEU A 490 3.48 -19.74 0.41
C LEU A 490 4.16 -18.47 0.85
N ILE A 491 4.19 -17.49 -0.06
CA ILE A 491 4.92 -16.26 0.18
C ILE A 491 4.28 -15.54 1.36
N HIS A 492 2.97 -15.52 1.36
CA HIS A 492 2.24 -14.91 2.47
C HIS A 492 2.49 -15.65 3.81
N GLU A 493 2.58 -16.97 3.79
CA GLU A 493 2.86 -17.72 5.03
C GLU A 493 4.20 -17.27 5.59
N TRP A 494 5.16 -17.01 4.70
CA TRP A 494 6.47 -16.53 5.11
C TRP A 494 6.45 -15.12 5.69
N THR A 495 5.77 -14.19 5.00
CA THR A 495 5.90 -12.77 5.32
C THR A 495 4.90 -12.29 6.38
N ASN A 496 3.76 -12.97 6.52
CA ASN A 496 2.71 -12.52 7.47
C ASN A 496 3.30 -12.41 8.88
N PRO A 497 3.35 -11.19 9.45
CA PRO A 497 4.02 -10.95 10.74
C PRO A 497 3.48 -11.80 11.89
N ASP A 498 2.18 -12.10 11.88
CA ASP A 498 1.61 -12.96 12.92
C ASP A 498 2.32 -14.30 13.00
N ASN A 499 2.88 -14.74 11.89
CA ASN A 499 3.51 -16.06 11.87
C ASN A 499 4.84 -16.07 12.58
N ARG A 500 5.30 -14.91 13.01
CA ARG A 500 6.54 -14.77 13.79
C ARG A 500 6.29 -14.43 15.28
N VAL A 501 5.03 -14.47 15.69
CA VAL A 501 4.69 -14.13 17.06
C VAL A 501 4.73 -15.36 17.95
N LEU A 502 5.38 -15.21 19.11
CA LEU A 502 5.23 -16.13 20.24
C LEU A 502 4.54 -15.35 21.37
N LEU A 503 3.55 -15.97 21.97
CA LEU A 503 2.78 -15.37 23.06
C LEU A 503 3.16 -16.09 24.34
N PHE A 504 3.43 -15.30 25.38
CA PHE A 504 3.72 -15.84 26.71
C PHE A 504 2.79 -15.21 27.73
N SER A 505 2.38 -15.99 28.71
CA SER A 505 1.69 -15.46 29.87
C SER A 505 2.68 -15.46 31.03
N LEU A 506 2.44 -14.54 31.96
CA LEU A 506 3.38 -14.28 33.04
C LEU A 506 2.94 -15.06 34.24
N ALA B 2 -9.52 -13.29 7.71
CA ALA B 2 -10.93 -12.90 7.97
C ALA B 2 -11.92 -13.75 7.13
N ALA B 3 -12.12 -13.39 5.85
CA ALA B 3 -13.25 -13.93 5.05
C ALA B 3 -13.03 -15.36 4.46
N SER B 4 -11.97 -15.60 3.71
CA SER B 4 -11.72 -16.98 3.19
C SER B 4 -11.14 -17.89 4.30
N GLU B 5 -10.68 -17.26 5.36
CA GLU B 5 -9.73 -17.85 6.25
C GLU B 5 -10.35 -18.60 7.43
N ALA B 6 -11.58 -18.25 7.73
CA ALA B 6 -12.30 -18.73 8.91
C ALA B 6 -13.76 -18.58 8.65
N GLU B 7 -14.55 -19.34 9.41
CA GLU B 7 -16.00 -19.30 9.36
C GLU B 7 -16.62 -19.67 10.70
N TYR B 8 -17.60 -18.89 11.12
CA TYR B 8 -18.39 -19.26 12.29
C TYR B 8 -19.51 -20.15 11.81
N GLY B 9 -19.41 -21.42 12.10
CA GLY B 9 -20.48 -22.36 11.77
C GLY B 9 -21.75 -22.00 12.53
N LYS B 10 -21.60 -21.68 13.82
CA LYS B 10 -22.70 -21.31 14.67
C LYS B 10 -22.33 -20.23 15.66
N VAL B 11 -23.28 -19.32 15.82
CA VAL B 11 -23.26 -18.37 16.90
C VAL B 11 -24.66 -18.45 17.52
N SER B 12 -24.67 -18.47 18.83
CA SER B 12 -25.93 -18.37 19.55
C SER B 12 -25.75 -17.42 20.73
N LYS B 13 -26.64 -16.44 20.86
CA LYS B 13 -26.55 -15.45 21.95
C LYS B 13 -27.89 -15.36 22.59
N ALA B 14 -27.93 -15.39 23.92
CA ALA B 14 -29.20 -15.41 24.64
C ALA B 14 -29.11 -14.46 25.84
N TRP B 15 -30.07 -13.51 25.92
CA TRP B 15 -30.15 -12.57 27.02
C TRP B 15 -31.38 -12.91 27.84
N THR B 16 -31.21 -12.92 29.14
CA THR B 16 -32.32 -13.15 30.07
C THR B 16 -32.38 -12.09 31.13
N LEU B 17 -33.57 -11.53 31.35
CA LEU B 17 -33.85 -10.65 32.48
C LEU B 17 -34.74 -11.39 33.43
N HIS B 18 -34.34 -11.46 34.71
CA HIS B 18 -35.16 -12.11 35.72
C HIS B 18 -36.01 -11.09 36.46
N ALA B 19 -37.01 -11.59 37.15
CA ALA B 19 -37.95 -10.73 37.86
C ALA B 19 -37.25 -9.90 38.90
N ASP B 20 -36.20 -10.42 39.51
CA ASP B 20 -35.46 -9.63 40.51
C ASP B 20 -34.46 -8.59 39.94
N GLY B 21 -34.38 -8.44 38.62
CA GLY B 21 -33.46 -7.51 38.05
C GLY B 21 -32.11 -8.12 37.70
N SER B 22 -31.84 -9.36 38.13
CA SER B 22 -30.64 -10.07 37.70
C SER B 22 -30.77 -10.40 36.20
N GLN B 23 -29.63 -10.64 35.57
CA GLN B 23 -29.60 -10.95 34.12
C GLN B 23 -28.62 -12.07 33.86
N GLU B 24 -28.76 -12.69 32.70
CA GLU B 24 -27.79 -13.61 32.18
C GLU B 24 -27.59 -13.26 30.70
N TYR B 25 -26.34 -13.30 30.28
CA TYR B 25 -26.01 -13.30 28.88
C TYR B 25 -25.23 -14.57 28.58
N ARG B 26 -25.67 -15.32 27.59
CA ARG B 26 -25.01 -16.58 27.25
C ARG B 26 -24.63 -16.57 25.80
N SER B 27 -23.35 -16.84 25.54
CA SER B 27 -22.78 -16.76 24.20
C SER B 27 -22.08 -18.05 23.88
N SER B 28 -22.49 -18.69 22.79
CA SER B 28 -21.77 -19.85 22.34
C SER B 28 -21.45 -19.69 20.88
N GLU B 30 -19.03 -21.63 17.45
CA GLU B 30 -18.19 -22.58 16.79
C GLU B 30 -17.50 -21.77 15.71
N LEU B 31 -16.19 -21.86 15.66
CA LEU B 31 -15.39 -21.08 14.74
C LEU B 31 -14.32 -21.99 14.11
N THR B 32 -14.43 -22.22 12.80
CA THR B 32 -13.46 -23.03 12.06
C THR B 32 -12.38 -22.15 11.44
N LEU B 33 -11.12 -22.53 11.61
CA LEU B 33 -9.97 -21.80 11.10
C LEU B 33 -9.29 -22.61 10.02
N PHE B 34 -9.10 -22.04 8.84
CA PHE B 34 -8.64 -22.80 7.70
C PHE B 34 -7.18 -22.61 7.34
N THR B 35 -6.55 -21.57 7.88
CA THR B 35 -5.17 -21.26 7.53
C THR B 35 -4.37 -20.95 8.79
N HIS B 36 -3.05 -21.05 8.66
CA HIS B 36 -2.15 -20.60 9.70
C HIS B 36 -2.25 -19.11 9.92
N THR B 37 -2.59 -18.35 8.88
CA THR B 37 -2.91 -16.93 9.05
C THR B 37 -4.02 -16.71 10.10
N ALA B 38 -5.09 -17.47 9.99
CA ALA B 38 -6.21 -17.29 10.92
C ALA B 38 -5.79 -17.78 12.32
N ASN B 40 -2.92 -17.91 13.76
CA ASN B 40 -1.88 -17.12 14.41
C ASN B 40 -2.34 -15.68 14.66
N SER B 41 -3.54 -15.33 14.23
CA SER B 41 -4.14 -14.05 14.50
C SER B 41 -4.82 -14.06 15.88
N THR B 42 -5.48 -12.97 16.21
CA THR B 42 -6.25 -12.91 17.44
C THR B 42 -7.42 -13.92 17.45
N TYR B 43 -7.73 -14.58 16.33
CA TYR B 43 -8.65 -15.73 16.39
C TYR B 43 -8.15 -16.88 17.31
N GLY B 44 -6.85 -16.92 17.58
CA GLY B 44 -6.29 -17.88 18.52
C GLY B 44 -6.72 -17.66 19.98
N GLU B 45 -7.36 -16.53 20.27
CA GLU B 45 -7.89 -16.24 21.60
C GLU B 45 -9.33 -15.77 21.56
N SER B 46 -10.01 -15.90 22.70
CA SER B 46 -11.27 -15.25 22.93
C SER B 46 -11.09 -14.29 24.11
N PHE B 47 -11.83 -13.19 24.11
CA PHE B 47 -11.66 -12.11 25.08
C PHE B 47 -12.99 -11.80 25.68
N ILE B 48 -13.09 -11.91 27.00
CA ILE B 48 -14.39 -11.75 27.64
C ILE B 48 -14.31 -10.74 28.77
N VAL B 49 -14.97 -9.61 28.62
CA VAL B 49 -14.82 -8.53 29.60
C VAL B 49 -16.00 -8.54 30.59
N TYR B 50 -15.74 -8.33 31.88
CA TYR B 50 -16.84 -8.26 32.85
C TYR B 50 -16.44 -7.52 34.15
N ASN B 51 -17.44 -7.14 34.94
CA ASN B 51 -17.26 -6.42 36.16
C ASN B 51 -17.56 -7.30 37.36
N PRO B 52 -16.51 -7.83 38.01
CA PRO B 52 -16.74 -8.76 39.08
C PRO B 52 -17.41 -8.16 40.32
N ASP B 53 -17.57 -6.85 40.42
CA ASP B 53 -18.37 -6.35 41.54
C ASP B 53 -19.82 -6.79 41.44
N PHE B 54 -20.32 -7.00 40.23
CA PHE B 54 -21.71 -7.41 40.05
C PHE B 54 -21.89 -8.61 39.16
N GLN B 55 -20.82 -9.11 38.53
CA GLN B 55 -20.97 -10.16 37.52
C GLN B 55 -20.04 -11.34 37.77
N THR B 56 -20.51 -12.51 37.39
CA THR B 56 -19.67 -13.69 37.40
CA THR B 56 -19.73 -13.72 37.43
C THR B 56 -19.64 -14.32 36.02
N LEU B 57 -18.47 -14.80 35.66
CA LEU B 57 -18.23 -15.46 34.37
C LEU B 57 -18.27 -16.96 34.62
N LYS B 58 -19.14 -17.67 33.91
CA LYS B 58 -19.19 -19.12 33.97
C LYS B 58 -18.84 -19.68 32.59
N ILE B 59 -17.81 -20.52 32.52
CA ILE B 59 -17.46 -21.14 31.26
C ILE B 59 -18.17 -22.48 31.22
N HIS B 60 -19.05 -22.67 30.26
CA HIS B 60 -19.78 -23.90 30.17
C HIS B 60 -18.94 -24.96 29.51
N SER B 61 -18.25 -24.59 28.44
CA SER B 61 -17.37 -25.50 27.72
C SER B 61 -16.40 -24.67 26.87
N SER B 62 -15.20 -25.21 26.76
CA SER B 62 -14.17 -24.65 25.89
C SER B 62 -13.27 -25.76 25.41
N TYR B 63 -13.27 -25.99 24.10
CA TYR B 63 -12.46 -27.02 23.49
C TYR B 63 -12.28 -26.76 22.00
N THR B 64 -11.33 -27.48 21.41
CA THR B 64 -11.12 -27.46 20.00
C THR B 64 -11.39 -28.85 19.44
N ARG B 65 -12.18 -28.89 18.38
CA ARG B 65 -12.47 -30.12 17.66
C ARG B 65 -11.65 -30.14 16.39
N GLN B 66 -10.73 -31.09 16.30
CA GLN B 66 -9.92 -31.23 15.08
C GLN B 66 -10.72 -31.95 13.99
N LYS B 67 -10.29 -31.82 12.73
CA LYS B 67 -10.99 -32.43 11.60
CA LYS B 67 -10.99 -32.44 11.60
C LYS B 67 -11.25 -33.92 11.79
N ASP B 68 -10.31 -34.64 12.39
CA ASP B 68 -10.49 -36.10 12.55
C ASP B 68 -11.31 -36.47 13.77
N GLY B 69 -11.84 -35.48 14.46
CA GLY B 69 -12.72 -35.75 15.57
C GLY B 69 -12.09 -35.64 16.93
N THR B 70 -10.77 -35.49 16.98
CA THR B 70 -10.06 -35.29 18.23
C THR B 70 -10.54 -34.05 18.91
N ILE B 71 -10.80 -34.19 20.21
CA ILE B 71 -11.25 -33.10 21.03
C ILE B 71 -10.12 -32.72 21.98
N VAL B 72 -9.75 -31.44 21.95
CA VAL B 72 -8.73 -30.88 22.83
C VAL B 72 -9.34 -29.85 23.75
N LYS B 73 -9.53 -30.26 24.99
CA LYS B 73 -10.19 -29.43 26.00
C LYS B 73 -9.23 -28.31 26.43
N THR B 74 -9.69 -27.08 26.55
CA THR B 74 -8.84 -25.98 26.97
C THR B 74 -8.40 -26.24 28.41
N PRO B 75 -7.06 -26.21 28.67
CA PRO B 75 -6.56 -26.49 29.98
C PRO B 75 -6.62 -25.27 30.83
N ASP B 76 -6.56 -25.48 32.15
CA ASP B 76 -6.68 -24.36 33.09
C ASP B 76 -5.64 -23.29 32.88
N ASN B 77 -4.43 -23.65 32.48
CA ASN B 77 -3.41 -22.61 32.28
C ASN B 77 -3.57 -21.79 30.98
N ALA B 78 -4.59 -22.10 30.16
CA ALA B 78 -4.89 -21.34 28.95
C ALA B 78 -5.98 -20.27 29.21
N PHE B 79 -6.42 -20.14 30.45
CA PHE B 79 -7.33 -19.08 30.88
C PHE B 79 -6.55 -18.08 31.72
N VAL B 80 -6.48 -16.84 31.26
CA VAL B 80 -5.66 -15.82 31.92
C VAL B 80 -6.52 -14.60 32.05
N GLU B 81 -6.71 -14.13 33.29
CA GLU B 81 -7.48 -12.93 33.55
C GLU B 81 -6.56 -11.76 33.63
N VAL B 82 -6.91 -10.70 32.93
CA VAL B 82 -6.11 -9.47 32.84
C VAL B 82 -7.03 -8.28 33.01
N LEU B 83 -6.44 -7.11 33.25
CA LEU B 83 -7.16 -5.84 33.27
C LEU B 83 -7.40 -5.44 31.84
N PRO B 84 -8.63 -5.08 31.46
CA PRO B 84 -8.84 -4.59 30.10
C PRO B 84 -8.01 -3.33 29.82
N ARG B 85 -7.44 -3.23 28.63
CA ARG B 85 -6.61 -2.09 28.23
C ARG B 85 -7.39 -0.80 28.39
N PHE B 86 -8.67 -0.78 28.05
CA PHE B 86 -9.45 0.43 28.21
C PHE B 86 -9.51 0.97 29.64
N ALA B 87 -9.20 0.15 30.63
CA ALA B 87 -9.23 0.57 32.05
C ALA B 87 -7.85 0.91 32.62
N ALA B 88 -6.84 0.92 31.76
CA ALA B 88 -5.44 1.20 32.20
C ALA B 88 -5.34 2.60 32.83
N ASP B 89 -4.58 2.75 33.91
CA ASP B 89 -4.41 4.12 34.52
C ASP B 89 -5.72 4.75 35.04
N ALA B 90 -6.68 3.91 35.45
CA ALA B 90 -7.99 4.37 35.90
C ALA B 90 -8.31 3.65 37.19
N PRO B 91 -7.70 4.10 38.29
CA PRO B 91 -7.73 3.35 39.53
C PRO B 91 -9.11 3.00 40.03
N ALA B 92 -10.07 3.91 39.89
CA ALA B 92 -11.45 3.57 40.27
C ALA B 92 -12.03 2.39 39.50
N TYR B 93 -11.42 1.99 38.41
CA TYR B 93 -12.00 0.93 37.56
C TYR B 93 -11.05 -0.28 37.53
N ASN B 94 -10.14 -0.36 38.50
CA ASN B 94 -9.11 -1.40 38.46
C ASN B 94 -9.60 -2.79 38.89
N GLN B 95 -10.87 -2.94 39.24
CA GLN B 95 -11.44 -4.27 39.49
C GLN B 95 -11.95 -4.96 38.22
N LEU B 96 -12.06 -4.22 37.11
CA LEU B 96 -12.59 -4.79 35.89
C LEU B 96 -11.70 -5.90 35.36
N LYS B 97 -12.32 -6.93 34.79
CA LYS B 97 -11.63 -8.12 34.33
C LYS B 97 -11.86 -8.45 32.87
N GLU B 98 -10.80 -8.92 32.24
CA GLU B 98 -10.85 -9.50 30.91
C GLU B 98 -10.25 -10.90 30.94
N VAL B 100 -8.93 -13.99 29.07
CA VAL B 100 -8.36 -14.36 27.79
C VAL B 100 -8.33 -15.87 27.76
N VAL B 101 -9.01 -16.44 26.77
CA VAL B 101 -8.99 -17.89 26.58
C VAL B 101 -8.08 -18.16 25.39
N VAL B 102 -6.96 -18.83 25.63
CA VAL B 102 -6.03 -19.21 24.57
C VAL B 102 -6.51 -20.55 24.01
N HIS B 103 -6.91 -20.58 22.74
CA HIS B 103 -7.43 -21.79 22.16
C HIS B 103 -6.27 -22.73 21.81
N THR B 104 -6.26 -23.92 22.37
CA THR B 104 -5.21 -24.89 22.13
C THR B 104 -5.72 -26.00 21.20
N GLY B 105 -4.78 -26.81 20.72
CA GLY B 105 -5.10 -27.89 19.77
C GLY B 105 -5.45 -27.39 18.38
N LEU B 106 -5.17 -26.13 18.07
CA LEU B 106 -5.52 -25.63 16.75
C LEU B 106 -4.66 -26.29 15.67
N GLU B 107 -5.31 -26.60 14.53
CA GLU B 107 -4.71 -27.22 13.33
C GLU B 107 -5.55 -26.76 12.17
N LEU B 108 -5.05 -26.90 10.94
CA LEU B 108 -5.86 -26.54 9.80
C LEU B 108 -7.22 -27.25 9.83
N GLY B 109 -8.27 -26.45 9.74
CA GLY B 109 -9.61 -26.96 9.66
C GLY B 109 -10.20 -27.31 11.02
N ALA B 110 -9.48 -27.04 12.08
CA ALA B 110 -10.05 -27.26 13.44
C ALA B 110 -11.15 -26.24 13.77
N THR B 111 -12.07 -26.63 14.67
CA THR B 111 -13.17 -25.77 15.06
C THR B 111 -13.12 -25.49 16.55
N ILE B 112 -13.11 -24.21 16.90
CA ILE B 112 -13.13 -23.79 18.29
C ILE B 112 -14.55 -23.78 18.77
N TYR B 113 -14.78 -24.39 19.94
CA TYR B 113 -16.09 -24.34 20.63
C TYR B 113 -15.91 -23.59 21.93
N LEU B 114 -16.69 -22.53 22.12
CA LEU B 114 -16.69 -21.78 23.35
C LEU B 114 -18.11 -21.35 23.71
N ASP B 115 -18.50 -21.61 24.96
CA ASP B 115 -19.85 -21.39 25.48
C ASP B 115 -19.68 -20.90 26.88
N TYR B 116 -20.11 -19.67 27.12
CA TYR B 116 -19.98 -19.06 28.44
C TYR B 116 -21.20 -18.21 28.76
N SER B 117 -21.38 -17.92 30.05
CA SER B 117 -22.41 -16.99 30.52
C SER B 117 -21.78 -15.95 31.39
N ILE B 118 -22.33 -14.73 31.33
CA ILE B 118 -22.04 -13.69 32.27
C ILE B 118 -23.35 -13.49 33.04
N ILE B 119 -23.28 -13.65 34.35
CA ILE B 119 -24.47 -13.57 35.21
C ILE B 119 -24.34 -12.32 36.05
N THR B 120 -25.36 -11.47 35.97
CA THR B 120 -25.32 -10.17 36.63
C THR B 120 -26.34 -10.16 37.75
N LYS B 121 -25.89 -9.84 38.96
CA LYS B 121 -26.77 -9.75 40.11
C LYS B 121 -27.70 -8.53 40.07
N PRO B 122 -28.78 -8.53 40.89
CA PRO B 122 -29.72 -7.42 40.84
C PRO B 122 -29.05 -6.12 41.20
N GLY B 123 -29.56 -5.03 40.69
CA GLY B 123 -29.10 -3.72 41.11
C GLY B 123 -27.90 -3.16 40.37
N TYR B 124 -27.50 -3.78 39.27
CA TYR B 124 -26.39 -3.25 38.48
C TYR B 124 -26.95 -2.61 37.22
N TYR B 125 -27.79 -3.34 36.50
CA TYR B 125 -28.38 -2.83 35.28
C TYR B 125 -29.82 -2.41 35.53
N PRO B 126 -30.16 -1.16 35.17
CA PRO B 126 -31.53 -0.67 35.34
C PRO B 126 -32.54 -1.40 34.45
N ALA B 127 -32.08 -1.97 33.33
CA ALA B 127 -32.95 -2.62 32.38
C ALA B 127 -32.16 -3.62 31.50
N LEU B 128 -32.87 -4.45 30.74
CA LEU B 128 -32.23 -5.24 29.67
C LEU B 128 -32.07 -4.29 28.50
N ASP B 129 -30.86 -4.14 27.98
CA ASP B 129 -30.53 -3.07 27.08
C ASP B 129 -29.43 -3.62 26.17
N ILE B 130 -29.81 -3.89 24.92
CA ILE B 130 -29.02 -4.66 23.97
C ILE B 130 -28.79 -3.83 22.71
N ASN B 131 -27.56 -3.87 22.23
CA ASN B 131 -27.22 -3.37 20.90
C ASN B 131 -26.06 -4.27 20.39
N GLU B 132 -26.38 -5.35 19.70
CA GLU B 132 -25.41 -6.37 19.47
C GLU B 132 -25.18 -6.52 17.98
N ARG B 133 -23.93 -6.35 17.57
CA ARG B 133 -23.52 -6.60 16.19
CA ARG B 133 -23.54 -6.59 16.19
C ARG B 133 -23.55 -8.10 15.93
N LEU B 134 -24.20 -8.53 14.86
CA LEU B 134 -24.27 -9.95 14.52
C LEU B 134 -23.37 -10.32 13.33
N GLN B 135 -22.95 -9.34 12.53
CA GLN B 135 -22.02 -9.63 11.44
C GLN B 135 -20.63 -9.65 12.02
N GLU B 136 -19.80 -10.59 11.55
CA GLU B 136 -18.41 -10.65 11.99
C GLU B 136 -17.45 -10.41 10.80
N THR B 137 -16.15 -10.43 11.07
CA THR B 137 -15.14 -10.32 10.02
C THR B 137 -15.00 -11.64 9.22
N SER B 138 -15.58 -12.71 9.73
CA SER B 138 -15.73 -13.93 8.95
C SER B 138 -17.22 -14.18 8.78
N PRO B 139 -17.58 -14.97 7.76
CA PRO B 139 -18.99 -15.29 7.57
C PRO B 139 -19.52 -16.08 8.77
N VAL B 140 -20.83 -15.94 9.02
CA VAL B 140 -21.54 -16.69 10.05
C VAL B 140 -22.61 -17.53 9.35
N LYS B 141 -22.50 -18.85 9.45
CA LYS B 141 -23.40 -19.76 8.75
CA LYS B 141 -23.39 -19.74 8.73
C LYS B 141 -24.79 -19.73 9.38
N GLU B 142 -24.85 -19.74 10.71
CA GLU B 142 -26.09 -19.68 11.47
C GLU B 142 -25.91 -18.83 12.73
N CYS B 143 -26.77 -17.83 12.88
CA CYS B 143 -26.80 -17.00 14.05
C CYS B 143 -28.21 -17.03 14.71
N LYS B 144 -28.24 -17.51 15.95
CA LYS B 144 -29.45 -17.54 16.76
C LYS B 144 -29.35 -16.56 17.89
N VAL B 145 -30.38 -15.72 18.01
CA VAL B 145 -30.42 -14.75 19.07
C VAL B 145 -31.77 -14.79 19.75
N SER B 146 -31.71 -14.68 21.07
CA SER B 146 -32.88 -14.86 21.92
C SER B 146 -32.93 -13.87 23.05
N ILE B 147 -34.14 -13.33 23.28
CA ILE B 147 -34.37 -12.44 24.46
C ILE B 147 -35.52 -12.99 25.29
N SER B 148 -35.28 -13.14 26.60
CA SER B 148 -36.30 -13.61 27.55
C SER B 148 -36.46 -12.62 28.69
N VAL B 149 -37.71 -12.24 28.96
CA VAL B 149 -38.05 -11.32 30.03
C VAL B 149 -39.31 -11.83 30.75
N PRO B 150 -39.56 -11.38 31.97
CA PRO B 150 -40.83 -11.77 32.65
C PRO B 150 -42.04 -11.26 31.89
N GLU B 151 -43.08 -12.08 31.80
CA GLU B 151 -44.36 -11.60 31.34
C GLU B 151 -44.74 -10.33 32.12
N GLY B 152 -45.29 -9.37 31.40
CA GLY B 152 -45.66 -8.07 32.02
C GLY B 152 -44.56 -7.01 31.92
N THR B 153 -43.34 -7.42 31.53
CA THR B 153 -42.23 -6.48 31.34
C THR B 153 -42.32 -5.90 29.91
N PRO B 154 -42.23 -4.57 29.79
CA PRO B 154 -42.23 -4.02 28.43
C PRO B 154 -40.98 -4.47 27.68
N LEU B 155 -41.12 -4.84 26.41
CA LEU B 155 -39.99 -5.18 25.56
C LEU B 155 -40.17 -4.54 24.19
N ALA B 156 -39.17 -3.77 23.76
CA ALA B 156 -39.09 -3.31 22.37
C ALA B 156 -37.84 -3.96 21.80
N CYS B 157 -37.94 -4.51 20.60
CA CYS B 157 -36.82 -5.18 19.99
CA CYS B 157 -36.85 -5.25 19.94
C CYS B 157 -36.94 -5.08 18.46
N GLY B 158 -35.79 -5.02 17.83
CA GLY B 158 -35.75 -5.00 16.39
C GLY B 158 -34.44 -5.57 15.91
N LEU B 159 -34.50 -6.22 14.78
CA LEU B 159 -33.33 -6.71 14.10
C LEU B 159 -33.08 -5.73 12.97
N TYR B 160 -32.05 -4.91 13.07
CA TYR B 160 -31.70 -4.00 11.98
C TYR B 160 -30.74 -4.68 11.03
N GLY B 161 -30.86 -4.35 9.75
CA GLY B 161 -30.02 -4.93 8.68
C GLY B 161 -30.28 -6.36 8.25
N SER B 162 -31.50 -6.80 8.45
CA SER B 162 -31.89 -8.15 8.14
C SER B 162 -33.41 -8.16 8.14
N PRO B 163 -34.00 -8.88 7.20
CA PRO B 163 -35.45 -8.99 7.14
C PRO B 163 -36.00 -10.18 7.93
N VAL B 164 -35.15 -10.89 8.67
CA VAL B 164 -35.60 -12.07 9.39
C VAL B 164 -36.59 -11.60 10.45
N LYS B 165 -37.68 -12.34 10.54
CA LYS B 165 -38.80 -12.03 11.42
CA LYS B 165 -38.76 -11.99 11.42
C LYS B 165 -38.62 -12.69 12.78
N ALA B 166 -38.99 -11.96 13.83
CA ALA B 166 -39.03 -12.46 15.18
C ALA B 166 -40.03 -13.62 15.29
N VAL B 167 -39.66 -14.61 16.09
CA VAL B 167 -40.53 -15.68 16.50
C VAL B 167 -40.79 -15.56 18.01
N GLU B 168 -42.07 -15.47 18.38
CA GLU B 168 -42.49 -15.30 19.78
C GLU B 168 -42.78 -16.65 20.43
N GLU B 169 -42.32 -16.84 21.65
CA GLU B 169 -42.43 -18.12 22.32
C GLU B 169 -42.48 -17.90 23.81
N SER B 170 -43.65 -17.55 24.32
CA SER B 170 -43.83 -17.49 25.74
C SER B 170 -43.98 -18.86 26.43
N HIS B 171 -43.52 -18.93 27.68
CA HIS B 171 -43.60 -20.15 28.48
C HIS B 171 -43.32 -19.82 29.93
N ASP B 172 -44.04 -20.47 30.83
CA ASP B 172 -43.68 -20.49 32.26
C ASP B 172 -43.56 -19.10 32.87
N GLY B 173 -44.44 -18.18 32.47
CA GLY B 173 -44.40 -16.80 32.95
C GLY B 173 -43.29 -15.96 32.31
N ILE B 174 -42.66 -16.49 31.26
CA ILE B 174 -41.59 -15.78 30.55
C ILE B 174 -41.98 -15.47 29.12
N LYS B 175 -41.67 -14.26 28.69
CA LYS B 175 -41.90 -13.86 27.33
C LYS B 175 -40.54 -13.97 26.62
N GLU B 176 -40.48 -14.74 25.55
CA GLU B 176 -39.24 -14.93 24.80
C GLU B 176 -39.49 -14.61 23.35
N VAL B 177 -38.49 -14.00 22.73
CA VAL B 177 -38.52 -13.80 21.30
CA VAL B 177 -38.50 -13.73 21.29
C VAL B 177 -37.17 -14.22 20.72
N HIS B 178 -37.20 -14.85 19.56
CA HIS B 178 -35.97 -15.26 18.93
C HIS B 178 -35.94 -15.03 17.44
N TRP B 179 -34.71 -14.97 16.92
CA TRP B 179 -34.47 -14.86 15.50
C TRP B 179 -33.38 -15.86 15.09
N THR B 180 -33.44 -16.30 13.84
CA THR B 180 -32.38 -17.14 13.26
C THR B 180 -31.96 -16.52 11.93
N LEU B 181 -30.69 -16.12 11.83
CA LEU B 181 -30.13 -15.55 10.63
C LEU B 181 -29.22 -16.60 10.05
N ARG B 182 -29.18 -16.69 8.72
CA ARG B 182 -28.36 -17.69 8.04
C ARG B 182 -27.50 -17.02 7.02
N ASN B 183 -26.27 -17.50 6.90
CA ASN B 183 -25.34 -17.06 5.89
C ASN B 183 -25.07 -15.58 5.90
N ILE B 184 -24.70 -15.04 7.05
CA ILE B 184 -24.34 -13.66 7.12
C ILE B 184 -22.94 -13.55 6.47
N PRO B 185 -22.80 -12.65 5.49
CA PRO B 185 -21.47 -12.50 4.92
C PRO B 185 -20.49 -11.88 5.89
N ALA B 186 -19.21 -12.16 5.69
CA ALA B 186 -18.14 -11.42 6.35
C ALA B 186 -18.35 -9.94 6.07
N SER B 187 -18.09 -9.09 7.03
CA SER B 187 -18.02 -7.67 6.72
C SER B 187 -16.89 -7.44 5.65
N SER B 188 -17.07 -6.41 4.84
CA SER B 188 -16.07 -6.02 3.85
C SER B 188 -14.90 -5.38 4.54
N ARG B 189 -13.70 -5.55 3.98
CA ARG B 189 -12.50 -4.91 4.54
C ARG B 189 -12.25 -3.52 3.92
N GLU B 190 -13.10 -3.08 3.01
CA GLU B 190 -13.02 -1.71 2.45
C GLU B 190 -12.89 -0.64 3.54
N ALA B 191 -11.96 0.28 3.33
CA ALA B 191 -11.80 1.42 4.22
C ALA B 191 -12.94 2.40 3.94
N PHE B 192 -13.15 3.33 4.85
CA PHE B 192 -14.10 4.43 4.66
C PHE B 192 -15.54 4.01 4.37
N GLN B 193 -15.95 2.89 4.93
CA GLN B 193 -17.37 2.54 4.93
C GLN B 193 -18.11 3.42 5.93
N PRO B 194 -19.44 3.47 5.83
CA PRO B 194 -20.16 4.29 6.79
C PRO B 194 -19.89 3.86 8.23
N LYS B 195 -19.71 4.83 9.12
CA LYS B 195 -19.56 4.53 10.53
C LYS B 195 -20.68 3.62 11.00
N ASN B 196 -21.91 3.88 10.59
CA ASN B 196 -23.00 2.99 10.91
C ASN B 196 -23.47 2.29 9.65
N ARG B 197 -23.09 1.04 9.52
CA ARG B 197 -23.41 0.28 8.32
CA ARG B 197 -23.40 0.27 8.33
C ARG B 197 -24.82 -0.29 8.48
N GLU B 198 -25.72 0.14 7.60
CA GLU B 198 -27.14 -0.21 7.73
C GLU B 198 -27.48 -1.63 7.37
N ALA B 199 -26.73 -2.27 6.44
CA ALA B 199 -26.96 -3.71 6.09
C ALA B 199 -26.13 -4.66 6.94
N SER B 200 -25.72 -4.20 8.12
CA SER B 200 -24.92 -5.02 8.98
C SER B 200 -25.87 -5.42 10.14
N PRO B 201 -26.32 -6.69 10.18
CA PRO B 201 -27.33 -7.12 11.15
C PRO B 201 -26.93 -6.77 12.59
N HIS B 202 -27.81 -6.07 13.30
CA HIS B 202 -27.65 -5.71 14.71
C HIS B 202 -28.99 -5.96 15.41
N LEU B 203 -28.95 -6.54 16.60
CA LEU B 203 -30.14 -6.69 17.43
C LEU B 203 -30.14 -5.56 18.45
N VAL B 204 -31.24 -4.81 18.49
CA VAL B 204 -31.40 -3.68 19.40
C VAL B 204 -32.66 -3.93 20.20
N ALA B 205 -32.55 -3.91 21.52
CA ALA B 205 -33.67 -4.22 22.37
C ALA B 205 -33.59 -3.50 23.70
N SER B 206 -34.75 -3.28 24.30
CA SER B 206 -34.83 -2.54 25.56
C SER B 206 -36.07 -2.93 26.38
N THR B 207 -35.91 -3.02 27.70
CA THR B 207 -37.04 -3.17 28.61
C THR B 207 -37.31 -1.90 29.38
N TYR B 208 -36.65 -0.80 29.01
CA TYR B 208 -37.12 0.48 29.51
C TYR B 208 -38.52 0.73 28.93
N PRO B 209 -39.31 1.54 29.63
CA PRO B 209 -40.67 1.85 29.13
C PRO B 209 -40.65 2.53 27.75
N SER B 210 -39.59 3.29 27.48
CA SER B 210 -39.39 4.00 26.22
C SER B 210 -37.95 4.52 26.15
N GLY B 211 -37.51 4.91 24.97
CA GLY B 211 -36.19 5.50 24.80
C GLY B 211 -36.06 6.77 25.63
N LYS B 212 -37.15 7.53 25.67
CA LYS B 212 -37.21 8.73 26.49
C LYS B 212 -37.01 8.42 27.99
N ALA B 213 -37.69 7.38 28.48
CA ALA B 213 -37.54 6.96 29.89
C ALA B 213 -36.12 6.47 30.19
N ALA B 214 -35.48 5.84 29.21
CA ALA B 214 -34.11 5.33 29.38
C ALA B 214 -33.21 6.54 29.61
N LEU B 215 -33.34 7.52 28.74
CA LEU B 215 -32.58 8.78 28.85
C LEU B 215 -32.84 9.54 30.18
N ALA B 216 -34.10 9.59 30.58
CA ALA B 216 -34.49 10.25 31.82
C ALA B 216 -33.93 9.50 33.04
N THR B 217 -33.87 8.17 32.96
CA THR B 217 -33.23 7.40 34.01
C THR B 217 -31.75 7.76 34.14
N LEU B 218 -31.08 7.87 33.01
CA LEU B 218 -29.67 8.25 32.99
C LEU B 218 -29.55 9.66 33.57
N ASP B 219 -30.42 10.56 33.14
CA ASP B 219 -30.36 11.94 33.62
C ASP B 219 -30.53 12.00 35.16
N LYS B 220 -31.50 11.25 35.67
CA LYS B 220 -31.72 11.19 37.12
C LYS B 220 -30.48 10.69 37.85
N ARG B 221 -29.87 9.63 37.33
CA ARG B 221 -28.67 9.08 37.94
CA ARG B 221 -28.67 9.13 37.96
C ARG B 221 -27.51 10.12 37.92
N LEU B 222 -27.36 10.83 36.81
CA LEU B 222 -26.35 11.85 36.67
C LEU B 222 -26.61 12.97 37.69
N LYS B 223 -27.87 13.37 37.83
CA LYS B 223 -28.25 14.45 38.75
C LYS B 223 -28.08 14.07 40.20
N GLU B 224 -28.09 12.80 40.51
CA GLU B 224 -27.83 12.33 41.85
C GLU B 224 -26.36 12.48 42.24
N SER B 225 -25.46 12.57 41.27
CA SER B 225 -24.05 12.70 41.59
C SER B 225 -23.76 14.02 42.24
N GLN B 226 -22.92 13.96 43.24
CA GLN B 226 -22.64 15.11 44.10
C GLN B 226 -21.60 15.98 43.42
N GLY B 227 -22.05 17.13 42.91
CA GLY B 227 -21.22 18.09 42.20
C GLY B 227 -21.18 19.47 42.83
N TYR B 228 -21.42 19.53 44.13
CA TYR B 228 -21.59 20.81 44.77
C TYR B 228 -20.30 21.62 44.72
N GLU B 229 -19.18 20.98 45.00
CA GLU B 229 -17.91 21.67 44.90
C GLU B 229 -17.52 22.03 43.47
N SER B 230 -17.86 21.15 42.51
CA SER B 230 -17.59 21.44 41.11
C SER B 230 -18.28 22.71 40.67
N LYS B 231 -19.49 22.97 41.18
CA LYS B 231 -20.21 24.17 40.82
C LYS B 231 -19.42 25.41 41.27
N THR B 232 -18.99 25.41 42.53
CA THR B 232 -18.24 26.56 43.09
C THR B 232 -16.88 26.73 42.39
N PHE B 233 -16.23 25.62 42.10
CA PHE B 233 -15.01 25.62 41.37
C PHE B 233 -15.21 26.30 40.00
N ALA B 234 -16.28 25.93 39.29
CA ALA B 234 -16.60 26.55 38.00
C ALA B 234 -16.84 28.07 38.11
N GLN B 235 -17.51 28.46 39.18
CA GLN B 235 -17.76 29.87 39.44
C GLN B 235 -16.51 30.64 39.73
N PHE B 236 -15.63 30.07 40.53
CA PHE B 236 -14.35 30.70 40.76
C PHE B 236 -13.47 30.78 39.50
N LEU B 237 -13.52 29.78 38.62
CA LEU B 237 -12.82 29.85 37.33
C LEU B 237 -13.30 30.95 36.39
N THR B 238 -14.59 31.27 36.45
CA THR B 238 -15.24 32.08 35.40
C THR B 238 -15.89 33.39 35.82
N ASP B 239 -15.99 33.64 37.13
CA ASP B 239 -16.58 34.89 37.61
C ASP B 239 -15.83 36.14 37.06
N LYS B 240 -14.54 36.07 36.82
CA LYS B 240 -13.77 37.16 36.20
C LYS B 240 -14.31 37.63 34.84
N SER B 241 -14.99 36.73 34.13
CA SER B 241 -15.24 36.95 32.72
C SER B 241 -16.39 37.88 32.41
N GLY B 242 -16.17 38.67 31.37
CA GLY B 242 -17.13 39.68 30.96
C GLY B 242 -18.14 39.15 29.96
N ASN B 243 -18.01 37.88 29.54
CA ASN B 243 -18.93 37.34 28.57
C ASN B 243 -19.08 35.82 28.59
N GLU B 244 -20.22 35.39 28.09
CA GLU B 244 -20.59 33.98 28.17
C GLU B 244 -19.67 33.09 27.39
N GLN B 245 -19.25 33.52 26.21
CA GLN B 245 -18.40 32.66 25.41
C GLN B 245 -17.08 32.38 26.14
N GLU B 246 -16.53 33.41 26.78
CA GLU B 246 -15.25 33.27 27.50
C GLU B 246 -15.40 32.25 28.64
N LYS B 247 -16.54 32.29 29.33
CA LYS B 247 -16.79 31.38 30.43
C LYS B 247 -16.79 29.94 29.90
N VAL B 248 -17.42 29.69 28.75
CA VAL B 248 -17.42 28.35 28.14
C VAL B 248 -15.99 27.94 27.80
N ASN B 249 -15.25 28.85 27.18
CA ASN B 249 -13.88 28.55 26.80
C ASN B 249 -13.01 28.22 28.03
N ILE B 250 -13.18 28.98 29.11
CA ILE B 250 -12.40 28.75 30.33
C ILE B 250 -12.66 27.35 30.87
N ILE B 251 -13.94 26.96 30.92
CA ILE B 251 -14.34 25.66 31.47
C ILE B 251 -13.92 24.50 30.57
N ARG B 252 -14.23 24.61 29.29
CA ARG B 252 -13.84 23.61 28.30
C ARG B 252 -12.32 23.41 28.31
N ASP B 253 -11.56 24.50 28.33
CA ASP B 253 -10.11 24.38 28.28
C ASP B 253 -9.57 23.77 29.56
N HIS B 254 -10.17 24.15 30.69
CA HIS B 254 -9.71 23.60 31.96
C HIS B 254 -9.85 22.07 31.94
N ILE B 255 -11.00 21.61 31.49
CA ILE B 255 -11.25 20.18 31.37
C ILE B 255 -10.33 19.52 30.34
N LEU B 256 -10.17 20.13 29.17
CA LEU B 256 -9.17 19.60 28.21
C LEU B 256 -7.75 19.57 28.77
N ASN B 257 -7.34 20.59 29.50
CA ASN B 257 -5.96 20.65 29.94
C ASN B 257 -5.68 19.83 31.18
N ASN B 258 -6.70 19.51 31.97
CA ASN B 258 -6.49 18.91 33.26
C ASN B 258 -7.10 17.54 33.50
N LEU B 259 -8.04 17.08 32.67
CA LEU B 259 -8.65 15.78 32.88
C LEU B 259 -8.38 14.83 31.73
N SER B 260 -8.15 13.57 32.04
CA SER B 260 -8.00 12.50 31.03
C SER B 260 -9.31 11.79 30.88
N THR B 261 -9.62 11.33 29.67
CA THR B 261 -10.81 10.54 29.44
C THR B 261 -10.39 9.09 29.40
N CYS B 262 -11.00 8.27 30.25
CA CYS B 262 -10.79 6.82 30.19
CA CYS B 262 -10.81 6.82 30.23
C CYS B 262 -11.99 6.16 29.55
N PRO B 263 -11.76 5.47 28.42
CA PRO B 263 -12.84 4.97 27.58
C PRO B 263 -13.45 3.68 28.10
N ILE B 264 -14.03 3.73 29.29
CA ILE B 264 -14.70 2.59 29.90
C ILE B 264 -16.15 2.57 29.39
N PRO B 265 -16.55 1.48 28.70
CA PRO B 265 -17.93 1.41 28.21
C PRO B 265 -18.92 1.57 29.35
N ALA B 267 -21.70 0.13 29.96
CA ALA B 267 -22.09 -1.18 30.49
C ALA B 267 -21.18 -1.64 31.60
N THR B 269 -19.80 0.19 33.79
CA THR B 269 -20.05 0.92 35.03
C THR B 269 -21.54 0.86 35.44
N GLY B 270 -22.30 -0.09 34.93
CA GLY B 270 -23.71 -0.12 35.28
C GLY B 270 -24.48 1.11 34.81
N TYR B 271 -24.00 1.76 33.76
CA TYR B 271 -24.59 2.98 33.24
C TYR B 271 -24.67 4.10 34.29
N THR B 272 -23.62 4.24 35.13
CA THR B 272 -23.67 5.40 36.04
CA THR B 272 -23.54 5.14 36.27
C THR B 272 -22.29 6.01 36.16
N VAL B 273 -22.17 6.97 37.08
CA VAL B 273 -20.99 7.79 37.18
C VAL B 273 -20.58 7.82 38.62
N ARG B 274 -19.29 8.04 38.86
CA ARG B 274 -18.87 8.39 40.21
C ARG B 274 -19.43 9.75 40.51
N ASP B 275 -19.43 10.06 41.78
CA ASP B 275 -19.65 11.39 42.23
C ASP B 275 -18.85 12.45 41.42
N ILE B 276 -19.51 13.47 40.93
CA ILE B 276 -18.91 14.41 40.02
C ILE B 276 -17.71 15.17 40.65
N ASP B 277 -17.78 15.49 41.93
CA ASP B 277 -16.68 16.14 42.63
C ASP B 277 -15.46 15.20 42.69
N THR B 278 -15.71 13.90 42.86
CA THR B 278 -14.67 12.89 42.83
C THR B 278 -14.08 12.81 41.44
N VAL B 279 -14.92 12.91 40.43
CA VAL B 279 -14.38 12.93 39.04
C VAL B 279 -13.39 14.10 38.95
N LEU B 280 -13.83 15.28 39.34
CA LEU B 280 -12.99 16.47 39.18
C LEU B 280 -11.71 16.34 40.00
N ARG B 281 -11.81 15.98 41.28
CA ARG B 281 -10.64 15.75 42.16
C ARG B 281 -9.64 14.74 41.56
N SER B 282 -10.18 13.65 41.01
CA SER B 282 -9.33 12.56 40.53
C SER B 282 -8.64 12.94 39.23
N ALA B 283 -9.20 13.91 38.50
CA ALA B 283 -8.68 14.36 37.20
C ALA B 283 -8.75 13.34 36.02
N TYR B 284 -9.57 12.30 36.15
CA TYR B 284 -9.89 11.42 35.01
C TYR B 284 -11.36 11.06 35.09
N GLY B 285 -11.92 10.69 33.96
CA GLY B 285 -13.31 10.29 33.91
C GLY B 285 -13.65 9.56 32.64
N THR B 286 -14.73 8.79 32.71
CA THR B 286 -15.33 8.23 31.50
C THR B 286 -15.94 9.36 30.66
N PRO B 287 -16.22 9.11 29.39
CA PRO B 287 -16.95 10.09 28.60
C PRO B 287 -18.23 10.55 29.27
N LEU B 288 -18.96 9.65 29.90
CA LEU B 288 -20.22 10.05 30.58
C LEU B 288 -19.93 10.99 31.77
N GLU B 289 -18.95 10.63 32.60
CA GLU B 289 -18.53 11.44 33.71
C GLU B 289 -18.07 12.84 33.27
N ILE B 290 -17.28 12.89 32.21
CA ILE B 290 -16.77 14.18 31.75
C ILE B 290 -17.89 15.03 31.17
N ALA B 291 -18.80 14.41 30.41
CA ALA B 291 -19.96 15.11 29.89
C ALA B 291 -20.78 15.75 31.01
N GLN B 292 -21.06 15.00 32.07
CA GLN B 292 -21.85 15.54 33.21
C GLN B 292 -21.06 16.57 33.99
N LEU B 293 -19.76 16.34 34.18
CA LEU B 293 -18.91 17.35 34.84
C LEU B 293 -18.96 18.66 34.08
N LEU B 294 -18.82 18.57 32.75
CA LEU B 294 -18.84 19.77 31.92
C LEU B 294 -20.20 20.46 32.05
N ASN B 295 -21.26 19.65 31.98
CA ASN B 295 -22.60 20.17 32.10
C ASN B 295 -22.84 20.92 33.45
N VAL B 296 -22.39 20.34 34.57
CA VAL B 296 -22.58 20.92 35.91
C VAL B 296 -21.83 22.24 35.99
N LEU B 298 -20.73 24.21 33.46
CA LEU B 298 -21.34 25.22 32.56
C LEU B 298 -22.59 25.84 33.20
N ASN B 299 -23.51 25.02 33.66
CA ASN B 299 -24.73 25.54 34.30
C ASN B 299 -24.42 26.40 35.51
N ALA B 300 -23.44 25.99 36.30
CA ALA B 300 -23.04 26.76 37.49
C ALA B 300 -22.44 28.13 37.13
N ALA B 301 -21.78 28.20 35.98
CA ALA B 301 -21.23 29.43 35.46
C ALA B 301 -22.30 30.32 34.77
N GLY B 302 -23.56 29.90 34.77
CA GLY B 302 -24.64 30.71 34.19
C GLY B 302 -24.88 30.43 32.73
N ILE B 303 -24.28 29.35 32.21
CA ILE B 303 -24.49 28.96 30.81
C ILE B 303 -25.46 27.78 30.78
N PRO B 304 -26.71 27.99 30.30
CA PRO B 304 -27.68 26.90 30.30
C PRO B 304 -27.19 25.79 29.40
N SER B 305 -27.09 24.57 29.93
CA SER B 305 -26.48 23.44 29.24
C SER B 305 -27.19 22.12 29.55
N GLU B 306 -27.03 21.17 28.63
CA GLU B 306 -27.57 19.82 28.78
C GLU B 306 -26.71 18.76 28.10
N VAL B 307 -26.68 17.57 28.65
CA VAL B 307 -26.03 16.42 28.01
C VAL B 307 -26.90 15.91 26.85
N LEU B 308 -26.23 15.53 25.75
CA LEU B 308 -26.84 14.91 24.59
C LEU B 308 -26.30 13.54 24.35
N ALA B 309 -27.17 12.66 23.85
CA ALA B 309 -26.81 11.36 23.45
C ALA B 309 -26.87 11.36 21.93
N VAL B 310 -25.91 10.68 21.30
CA VAL B 310 -25.85 10.57 19.84
C VAL B 310 -26.05 9.12 19.49
N TYR B 311 -27.06 8.84 18.67
CA TYR B 311 -27.37 7.54 18.15
C TYR B 311 -27.13 7.46 16.62
N PRO B 312 -26.92 6.25 16.11
CA PRO B 312 -26.95 6.01 14.65
C PRO B 312 -28.24 6.54 14.06
N GLY B 313 -28.19 7.08 12.85
CA GLY B 313 -29.33 7.74 12.29
C GLY B 313 -30.43 6.81 11.84
N HIS B 314 -30.12 5.55 11.61
CA HIS B 314 -31.16 4.66 11.15
C HIS B 314 -31.99 4.02 12.30
N LEU B 315 -31.68 4.30 13.55
CA LEU B 315 -32.36 3.61 14.64
C LEU B 315 -33.71 4.26 15.04
N ASP B 316 -34.66 3.42 15.43
CA ASP B 316 -35.85 3.95 16.09
C ASP B 316 -35.49 4.21 17.53
N THR B 317 -35.22 5.46 17.87
CA THR B 317 -34.76 5.75 19.20
C THR B 317 -35.87 5.69 20.27
N ASP B 318 -37.13 5.57 19.86
CA ASP B 318 -38.18 5.29 20.86
C ASP B 318 -38.04 3.87 21.42
N ALA B 319 -37.41 2.98 20.65
CA ALA B 319 -37.29 1.54 20.93
C ALA B 319 -35.90 1.07 21.33
N CYS B 320 -34.99 1.99 21.60
CA CYS B 320 -33.72 1.53 22.07
CA CYS B 320 -33.59 1.76 21.97
C CYS B 320 -33.43 2.12 23.44
N GLY B 321 -32.40 1.56 24.08
CA GLY B 321 -32.01 1.97 25.39
C GLY B 321 -30.71 2.74 25.22
N LEU B 322 -29.87 2.67 26.24
CA LEU B 322 -28.60 3.40 26.28
C LEU B 322 -27.48 2.70 25.55
N ALA B 323 -27.64 1.40 25.31
CA ALA B 323 -26.60 0.60 24.68
C ALA B 323 -26.35 1.03 23.26
N ALA B 324 -27.36 1.60 22.60
CA ALA B 324 -27.23 2.08 21.24
C ALA B 324 -26.57 3.49 21.16
N ILE B 325 -26.34 4.16 22.29
CA ILE B 325 -25.71 5.49 22.25
C ILE B 325 -24.28 5.34 21.75
N GLN B 326 -23.88 6.11 20.74
CA GLN B 326 -22.53 6.03 20.18
C GLN B 326 -21.57 7.11 20.71
N THR B 327 -22.08 8.28 21.05
CA THR B 327 -21.24 9.39 21.53
CA THR B 327 -21.22 9.26 21.70
C THR B 327 -22.09 10.22 22.47
N LEU B 328 -21.41 11.01 23.30
CA LEU B 328 -22.05 11.98 24.13
C LEU B 328 -21.52 13.35 23.77
N ALA B 329 -22.32 14.38 24.04
CA ALA B 329 -21.90 15.76 23.83
C ALA B 329 -22.60 16.64 24.86
N VAL B 330 -22.25 17.91 24.88
CA VAL B 330 -22.89 18.85 25.75
C VAL B 330 -23.33 20.03 24.89
N LYS B 331 -24.60 20.41 25.03
CA LYS B 331 -25.17 21.61 24.44
C LYS B 331 -25.02 22.77 25.41
N ALA B 332 -24.47 23.88 24.92
CA ALA B 332 -24.25 25.07 25.73
C ALA B 332 -24.95 26.22 25.01
N THR B 333 -25.86 26.91 25.69
CA THR B 333 -26.57 28.07 25.10
C THR B 333 -25.85 29.36 25.49
N VAL B 334 -25.15 29.95 24.54
CA VAL B 334 -24.29 31.09 24.77
C VAL B 334 -24.97 32.30 24.13
N ASP B 335 -25.47 33.21 24.96
CA ASP B 335 -26.23 34.39 24.50
C ASP B 335 -27.36 33.99 23.55
N GLY B 336 -28.14 33.00 23.98
CA GLY B 336 -29.28 32.48 23.22
C GLY B 336 -28.99 31.67 21.97
N LYS B 337 -27.72 31.34 21.71
CA LYS B 337 -27.35 30.47 20.57
C LYS B 337 -26.59 29.23 21.03
N ASP B 338 -27.02 28.06 20.58
CA ASP B 338 -26.44 26.83 21.04
C ASP B 338 -25.14 26.49 20.34
N GLN B 339 -24.21 25.91 21.09
CA GLN B 339 -23.02 25.32 20.51
C GLN B 339 -22.85 23.99 21.20
N TYR B 340 -22.20 23.06 20.50
CA TYR B 340 -22.06 21.72 20.99
C TYR B 340 -20.59 21.42 21.34
N LEU B 341 -20.39 20.84 22.52
CA LEU B 341 -19.05 20.46 22.96
CA LEU B 341 -19.05 20.46 22.95
C LEU B 341 -18.94 18.94 22.94
N SER B 342 -17.94 18.44 22.21
CA SER B 342 -17.63 17.04 22.10
C SER B 342 -16.24 16.87 21.46
N ALA B 343 -15.76 15.64 21.43
CA ALA B 343 -14.40 15.35 20.95
C ALA B 343 -14.31 15.69 19.48
N SER B 344 -15.34 15.36 18.72
CA SER B 344 -15.40 15.75 17.32
C SER B 344 -16.69 16.56 17.12
N PRO B 345 -16.62 17.60 16.27
CA PRO B 345 -17.81 18.45 16.09
C PRO B 345 -19.03 17.65 15.63
N LEU B 346 -20.16 17.82 16.32
CA LEU B 346 -21.40 17.17 15.91
C LEU B 346 -21.80 17.58 14.51
N THR B 347 -21.43 18.79 14.10
CA THR B 347 -21.80 19.28 12.76
C THR B 347 -20.98 18.61 11.64
N ASN B 348 -19.96 17.83 11.99
CA ASN B 348 -19.20 17.05 10.96
C ASN B 348 -20.11 16.01 10.33
N ARG B 349 -20.83 15.28 11.17
CA ARG B 349 -21.76 14.26 10.67
C ARG B 349 -23.18 14.78 10.53
N GLY B 350 -23.50 15.79 11.31
CA GLY B 350 -24.82 16.44 11.20
C GLY B 350 -25.95 15.43 11.30
N GLY B 351 -26.80 15.45 10.29
CA GLY B 351 -27.96 14.57 10.18
C GLY B 351 -27.71 13.11 9.84
N LEU B 352 -26.45 12.67 9.72
CA LEU B 352 -26.22 11.22 9.58
C LEU B 352 -26.62 10.48 10.88
N ASP B 353 -26.51 11.18 12.01
CA ASP B 353 -26.80 10.67 13.34
C ASP B 353 -28.04 11.31 13.91
N LYS B 354 -28.68 10.63 14.87
CA LYS B 354 -29.77 11.23 15.63
CA LYS B 354 -29.79 11.19 15.64
C LYS B 354 -29.26 11.66 16.98
N VAL B 355 -29.56 12.91 17.32
CA VAL B 355 -29.08 13.50 18.55
C VAL B 355 -30.26 13.84 19.43
N VAL B 356 -30.20 13.42 20.68
CA VAL B 356 -31.33 13.61 21.60
C VAL B 356 -30.79 14.06 22.93
N SER B 357 -31.36 15.12 23.48
CA SER B 357 -30.99 15.56 24.82
C SER B 357 -31.44 14.52 25.85
N LEU B 358 -30.81 14.52 27.03
CA LEU B 358 -31.27 13.60 28.09
C LEU B 358 -32.69 13.86 28.58
N SER B 359 -33.22 15.05 28.35
CA SER B 359 -34.59 15.30 28.71
C SER B 359 -35.48 14.91 27.53
N GLY B 360 -34.93 14.34 26.46
CA GLY B 360 -35.79 13.66 25.46
C GLY B 360 -36.08 14.39 24.16
N THR B 361 -35.43 15.52 23.92
CA THR B 361 -35.71 16.33 22.74
C THR B 361 -34.73 15.99 21.64
N SER B 362 -35.25 15.57 20.51
CA SER B 362 -34.43 15.36 19.31
C SER B 362 -33.94 16.69 18.79
N ILE B 363 -32.71 16.73 18.31
CA ILE B 363 -32.09 17.97 17.84
C ILE B 363 -31.64 17.78 16.41
N GLU B 364 -32.17 18.61 15.53
CA GLU B 364 -31.83 18.53 14.12
C GLU B 364 -30.47 19.24 13.88
N ILE B 365 -29.36 18.52 14.01
CA ILE B 365 -28.03 19.12 13.91
C ILE B 365 -27.72 19.42 12.47
N GLU B 366 -27.23 20.63 12.20
CA GLU B 366 -26.82 20.98 10.82
C GLU B 366 -25.49 20.30 10.44
N THR B 367 -25.31 20.08 9.14
CA THR B 367 -24.07 19.55 8.58
C THR B 367 -23.27 20.74 8.08
N THR B 368 -22.12 21.02 8.72
CA THR B 368 -21.31 22.19 8.44
C THR B 368 -19.95 21.74 7.93
N PRO B 369 -19.54 22.24 6.75
CA PRO B 369 -18.20 21.91 6.29
C PRO B 369 -17.13 22.44 7.20
N ILE B 370 -16.09 21.64 7.37
CA ILE B 370 -14.86 22.13 7.98
C ILE B 370 -14.19 23.05 6.97
N GLN B 371 -13.67 24.18 7.46
CA GLN B 371 -13.01 25.18 6.61
C GLN B 371 -11.53 25.22 6.92
N ILE B 372 -10.68 24.99 5.90
CA ILE B 372 -9.22 25.08 6.08
C ILE B 372 -8.68 26.17 5.15
N LYS B 373 -7.84 27.03 5.70
CA LYS B 373 -7.26 28.11 4.90
C LYS B 373 -5.82 28.30 5.35
N GLU B 374 -4.87 27.90 4.52
CA GLU B 374 -3.46 27.95 4.87
C GLU B 374 -2.62 28.59 3.76
N SER B 375 -1.43 29.02 4.18
CA SER B 375 -0.45 29.69 3.33
C SER B 375 0.90 29.06 3.58
N ARG B 376 1.70 28.98 2.54
CA ARG B 376 3.07 28.48 2.62
C ARG B 376 3.98 29.31 1.71
N SER B 377 5.22 29.49 2.16
CA SER B 377 6.22 30.24 1.42
C SER B 377 7.26 29.27 0.91
N VAL B 378 7.56 29.35 -0.39
CA VAL B 378 8.54 28.48 -0.99
C VAL B 378 9.64 29.27 -1.74
N ALA B 379 10.90 28.92 -1.48
CA ALA B 379 12.06 29.50 -2.16
C ALA B 379 12.80 28.43 -2.95
N ILE B 380 13.20 28.74 -4.17
CA ILE B 380 13.97 27.79 -5.00
C ILE B 380 15.30 28.40 -5.44
N SER B 381 16.41 27.78 -5.03
CA SER B 381 17.75 28.23 -5.44
C SER B 381 18.11 27.72 -6.83
N ALA B 382 18.96 28.49 -7.53
CA ALA B 382 19.60 28.03 -8.77
C ALA B 382 20.49 26.80 -8.52
N ASP B 383 20.92 26.59 -7.27
CA ASP B 383 21.54 25.32 -6.85
C ASP B 383 20.72 24.12 -7.31
N GLN B 384 19.41 24.17 -7.09
N GLN B 384 19.46 24.13 -6.85
CA GLN B 384 18.51 23.10 -7.53
CA GLN B 384 18.53 23.01 -6.92
C GLN B 384 18.27 23.02 -9.05
C GLN B 384 18.16 22.67 -8.35
N ALA B 385 18.76 23.99 -9.82
N ALA B 385 18.39 23.60 -9.26
CA ALA B 385 18.55 23.99 -11.27
CA ALA B 385 18.26 23.32 -10.67
C ALA B 385 19.85 23.93 -12.08
C ALA B 385 19.23 22.19 -10.98
N LYS B 386 20.95 23.59 -11.41
N LYS B 386 18.94 21.02 -10.45
CA LYS B 386 22.25 23.49 -12.08
CA LYS B 386 19.75 19.85 -10.72
C LYS B 386 22.21 22.56 -13.29
C LYS B 386 19.91 19.77 -12.23
N ASP B 387 21.43 21.49 -13.19
N ASP B 387 20.81 20.60 -12.75
CA ASP B 387 21.39 20.43 -14.21
CA ASP B 387 21.31 20.47 -14.12
C ASP B 387 20.34 20.63 -15.31
C ASP B 387 20.25 20.61 -15.21
N GLY B 388 19.91 21.87 -15.52
CA GLY B 388 18.90 22.20 -16.53
C GLY B 388 17.55 22.53 -15.91
N PHE B 389 17.13 21.76 -14.92
CA PHE B 389 15.78 21.90 -14.36
C PHE B 389 15.74 21.88 -12.83
N ALA B 390 14.79 22.61 -12.29
CA ALA B 390 14.51 22.52 -10.86
C ALA B 390 13.06 22.07 -10.74
N ILE B 391 12.86 20.92 -10.09
CA ILE B 391 11.53 20.38 -9.78
C ILE B 391 11.12 20.84 -8.39
N CYS B 392 10.12 21.69 -8.34
CA CYS B 392 9.73 22.29 -7.11
C CYS B 392 8.44 21.64 -6.62
N VAL B 393 8.53 20.82 -5.57
CA VAL B 393 7.35 20.22 -4.98
C VAL B 393 6.79 21.17 -3.92
N LEU B 394 5.61 21.72 -4.18
CA LEU B 394 4.91 22.54 -3.19
C LEU B 394 4.51 21.64 -2.00
N PRO B 395 4.87 22.03 -0.77
CA PRO B 395 4.58 21.07 0.33
C PRO B 395 3.09 20.84 0.59
N ALA B 396 2.71 19.59 0.86
CA ALA B 396 1.37 19.27 1.27
C ALA B 396 1.13 19.84 2.65
N ILE B 397 -0.10 20.23 2.96
CA ILE B 397 -0.48 20.56 4.32
C ILE B 397 -0.90 19.28 5.04
N SER B 398 -0.99 19.36 6.37
CA SER B 398 -1.32 18.21 7.20
C SER B 398 -2.81 18.15 7.58
N ALA B 399 -3.39 19.30 7.94
CA ALA B 399 -4.80 19.38 8.32
C ALA B 399 -5.75 19.08 7.14
N GLY B 400 -6.93 18.57 7.45
CA GLY B 400 -7.98 18.35 6.45
C GLY B 400 -7.85 17.04 5.70
N ILE B 401 -8.21 17.07 4.42
CA ILE B 401 -8.31 15.88 3.59
C ILE B 401 -6.96 15.15 3.58
N ASP B 402 -5.87 15.91 3.64
CA ASP B 402 -4.54 15.29 3.61
C ASP B 402 -4.26 14.39 4.84
N SER B 403 -5.04 14.53 5.91
CA SER B 403 -4.90 13.62 7.03
C SER B 403 -5.92 12.46 6.97
N TRP B 404 -6.80 12.44 5.98
CA TRP B 404 -7.86 11.44 5.96
C TRP B 404 -7.39 10.06 5.54
N GLY B 405 -6.14 9.91 5.14
CA GLY B 405 -5.62 8.59 4.76
C GLY B 405 -6.12 8.10 3.42
N SER B 407 -4.92 8.86 0.15
CA SER B 407 -4.08 9.17 -0.99
C SER B 407 -3.91 8.02 -1.96
N ALA B 408 -4.41 6.83 -1.61
CA ALA B 408 -4.42 5.68 -2.50
C ALA B 408 -5.78 4.99 -2.55
N LEU B 409 -6.82 5.63 -3.07
CA LEU B 409 -8.13 5.02 -3.12
C LEU B 409 -8.26 4.04 -4.27
N ASN B 410 -8.72 2.82 -4.00
CA ASN B 410 -8.96 1.85 -5.06
C ASN B 410 -9.88 2.42 -6.11
N SER B 411 -9.78 1.89 -7.33
CA SER B 411 -10.63 2.35 -8.41
C SER B 411 -12.00 1.75 -8.27
N LYS B 412 -12.08 0.58 -7.65
CA LYS B 412 -13.31 -0.19 -7.55
C LYS B 412 -13.90 -0.11 -6.13
N ARG B 413 -15.21 -0.20 -6.02
CA ARG B 413 -15.88 -0.09 -4.73
C ARG B 413 -17.19 -0.86 -4.70
N SER B 414 -17.44 -1.64 -3.65
CA SER B 414 -18.72 -2.34 -3.45
C SER B 414 -19.61 -1.70 -2.41
N ASN B 415 -19.04 -1.05 -1.39
CA ASN B 415 -19.84 -0.50 -0.32
C ASN B 415 -19.92 1.00 -0.35
N LEU B 416 -20.90 1.55 0.38
CA LEU B 416 -20.98 2.98 0.54
C LEU B 416 -19.63 3.51 0.96
N PHE B 417 -19.33 4.71 0.48
CA PHE B 417 -18.10 5.43 0.78
C PHE B 417 -18.50 6.67 1.56
N GLU B 418 -17.85 6.91 2.70
CA GLU B 418 -18.22 7.99 3.60
C GLU B 418 -17.05 8.85 4.00
N LEU B 419 -17.24 10.17 3.97
CA LEU B 419 -16.19 11.10 4.35
C LEU B 419 -16.38 11.47 5.82
N PRO B 420 -15.29 11.79 6.51
CA PRO B 420 -15.41 12.28 7.89
C PRO B 420 -16.26 13.55 8.05
N SER B 421 -16.24 14.40 7.03
CA SER B 421 -17.00 15.65 7.07
C SER B 421 -17.06 16.23 5.68
N LEU B 422 -17.96 17.17 5.47
CA LEU B 422 -17.85 18.06 4.33
C LEU B 422 -16.63 18.94 4.58
N ILE B 423 -16.06 19.50 3.51
CA ILE B 423 -14.83 20.24 3.68
C ILE B 423 -14.66 21.25 2.56
N ARG B 424 -14.02 22.36 2.90
CA ARG B 424 -13.67 23.37 1.93
C ARG B 424 -12.28 23.78 2.35
N GLU B 425 -11.30 23.67 1.45
CA GLU B 425 -9.94 24.06 1.76
C GLU B 425 -9.36 24.98 0.71
N GLU B 426 -8.50 25.90 1.15
CA GLU B 426 -7.72 26.77 0.29
C GLU B 426 -6.30 26.85 0.78
N VAL B 427 -5.33 26.54 -0.08
CA VAL B 427 -3.93 26.65 0.28
C VAL B 427 -3.26 27.60 -0.74
N THR B 428 -2.63 28.66 -0.23
CA THR B 428 -1.94 29.64 -1.06
C THR B 428 -0.44 29.50 -0.87
N TYR B 429 0.28 29.21 -1.97
CA TYR B 429 1.73 29.11 -1.95
C TYR B 429 2.32 30.37 -2.57
N THR B 430 3.30 30.97 -1.93
CA THR B 430 4.05 32.09 -2.53
C THR B 430 5.45 31.59 -2.79
N VAL B 431 5.78 31.46 -4.07
CA VAL B 431 7.00 30.84 -4.50
C VAL B 431 7.94 31.90 -5.03
N THR B 432 9.14 31.97 -4.46
CA THR B 432 10.20 32.87 -4.93
C THR B 432 11.28 32.06 -5.63
N PRO B 433 11.25 32.05 -6.97
CA PRO B 433 12.33 31.38 -7.71
C PRO B 433 13.63 32.20 -7.72
N ALA B 434 14.76 31.50 -7.82
CA ALA B 434 16.06 32.16 -8.09
C ALA B 434 16.02 33.00 -9.37
N GLU B 435 16.71 34.14 -9.36
CA GLU B 435 16.82 35.00 -10.55
C GLU B 435 17.27 34.13 -11.73
N GLY B 436 16.67 34.34 -12.91
CA GLY B 436 17.01 33.53 -14.10
C GLY B 436 16.19 32.26 -14.34
N LYS B 438 13.21 29.99 -15.28
CA LYS B 438 12.03 30.16 -16.13
C LYS B 438 11.00 29.10 -15.77
N LEU B 439 9.76 29.52 -15.56
CA LEU B 439 8.68 28.62 -15.20
C LEU B 439 8.28 27.82 -16.44
N GLN B 440 8.44 26.50 -16.39
CA GLN B 440 8.04 25.64 -17.52
C GLN B 440 6.60 25.12 -17.37
N THR B 441 6.12 24.96 -16.14
CA THR B 441 4.71 24.61 -15.89
C THR B 441 3.80 25.65 -16.51
N SER B 442 2.75 25.21 -17.18
CA SER B 442 1.70 26.08 -17.66
C SER B 442 1.04 26.91 -16.52
N THR B 443 0.70 28.17 -16.81
CA THR B 443 -0.05 29.01 -15.89
C THR B 443 -1.57 28.92 -16.07
N GLN B 444 -2.03 28.09 -16.98
CA GLN B 444 -3.46 27.91 -17.16
C GLN B 444 -4.08 27.25 -15.92
N GLU B 445 -5.28 27.68 -15.59
CA GLU B 445 -5.97 27.14 -14.43
C GLU B 445 -6.35 25.69 -14.72
N GLN B 446 -6.22 24.84 -13.70
CA GLN B 446 -6.70 23.46 -13.77
C GLN B 446 -7.90 23.30 -12.85
N VAL B 447 -9.03 22.85 -13.41
CA VAL B 447 -10.25 22.67 -12.67
C VAL B 447 -10.82 21.30 -12.99
N ILE B 448 -11.32 20.64 -11.95
CA ILE B 448 -12.15 19.46 -12.13
C ILE B 448 -13.39 19.71 -11.28
N SER B 449 -14.52 19.54 -11.92
CA SER B 449 -15.78 19.91 -11.38
C SER B 449 -16.74 18.73 -11.50
N LYS B 450 -17.33 18.32 -10.40
CA LYS B 450 -18.19 17.15 -10.37
C LYS B 450 -19.45 17.53 -9.63
N PRO B 451 -20.44 16.62 -9.61
CA PRO B 451 -21.71 16.97 -9.02
C PRO B 451 -21.61 17.34 -7.57
N PHE B 452 -20.66 16.77 -6.84
CA PHE B 452 -20.58 17.01 -5.40
C PHE B 452 -19.28 17.67 -4.92
N GLY B 453 -18.54 18.29 -5.86
CA GLY B 453 -17.42 19.11 -5.44
C GLY B 453 -16.55 19.56 -6.58
N LYS B 454 -15.41 20.11 -6.24
CA LYS B 454 -14.54 20.76 -7.22
C LYS B 454 -13.16 20.99 -6.64
N VAL B 455 -12.16 20.86 -7.50
CA VAL B 455 -10.78 21.12 -7.15
C VAL B 455 -10.26 22.09 -8.24
N THR B 456 -9.56 23.13 -7.81
CA THR B 456 -8.94 24.08 -8.73
C THR B 456 -7.51 24.33 -8.33
N ARG B 457 -6.71 24.69 -9.32
CA ARG B 457 -5.36 25.18 -9.12
C ARG B 457 -5.14 26.39 -10.05
N THR B 458 -4.74 27.51 -9.48
CA THR B 458 -4.40 28.65 -10.30
C THR B 458 -2.93 28.96 -10.05
N ILE B 459 -2.22 29.37 -11.10
CA ILE B 459 -0.78 29.72 -10.98
C ILE B 459 -0.65 31.11 -11.60
N THR B 460 -0.21 32.08 -10.80
CA THR B 460 -0.20 33.47 -11.20
CA THR B 460 -0.20 33.48 -11.19
C THR B 460 1.15 34.11 -10.91
N PRO B 461 1.92 34.40 -11.97
CA PRO B 461 3.17 35.12 -11.72
C PRO B 461 2.85 36.53 -11.25
N ARG B 462 3.57 36.97 -10.23
CA ARG B 462 3.39 38.32 -9.69
C ARG B 462 4.75 38.90 -9.35
N GLY B 463 5.31 39.69 -10.27
CA GLY B 463 6.64 40.24 -10.06
C GLY B 463 7.66 39.11 -10.09
N ASN B 464 8.39 38.94 -8.99
CA ASN B 464 9.36 37.86 -8.87
C ASN B 464 8.94 36.76 -7.91
N THR B 465 7.64 36.64 -7.68
CA THR B 465 7.09 35.44 -7.06
C THR B 465 6.03 34.85 -7.99
N ILE B 466 5.69 33.59 -7.72
CA ILE B 466 4.56 32.96 -8.38
C ILE B 466 3.63 32.54 -7.24
N GLU B 467 2.37 32.96 -7.33
CA GLU B 467 1.34 32.56 -6.39
C GLU B 467 0.59 31.33 -6.90
N VAL B 468 0.57 30.25 -6.13
CA VAL B 468 -0.22 29.08 -6.53
C VAL B 468 -1.36 28.91 -5.55
N VAL B 469 -2.59 28.91 -6.03
CA VAL B 469 -3.73 28.72 -5.13
C VAL B 469 -4.42 27.40 -5.48
N ARG B 470 -4.51 26.50 -4.50
CA ARG B 470 -5.23 25.22 -4.62
C ARG B 470 -6.47 25.22 -3.75
N THR B 471 -7.63 24.90 -4.31
CA THR B 471 -8.85 24.77 -3.52
C THR B 471 -9.50 23.40 -3.76
N ILE B 472 -10.25 22.94 -2.74
CA ILE B 472 -11.12 21.79 -2.86
C ILE B 472 -12.33 22.01 -2.00
N GLU B 473 -13.49 21.64 -2.54
CA GLU B 473 -14.70 21.55 -1.78
C GLU B 473 -15.37 20.21 -2.04
N LEU B 474 -15.81 19.55 -0.97
CA LEU B 474 -16.58 18.33 -1.02
C LEU B 474 -17.88 18.59 -0.27
N ASN B 475 -18.98 18.44 -0.99
CA ASN B 475 -20.28 18.89 -0.54
C ASN B 475 -21.30 17.80 -0.29
N LYS B 476 -20.86 16.55 -0.24
CA LYS B 476 -21.73 15.40 0.07
C LYS B 476 -20.88 14.44 0.92
N GLN B 477 -21.49 13.75 1.88
CA GLN B 477 -20.75 12.88 2.82
C GLN B 477 -20.70 11.40 2.43
N GLN B 478 -21.76 10.93 1.82
CA GLN B 478 -21.89 9.53 1.51
C GLN B 478 -22.11 9.32 0.04
N PHE B 479 -21.41 8.33 -0.49
CA PHE B 479 -21.44 8.04 -1.91
C PHE B 479 -21.71 6.57 -2.20
N THR B 480 -22.61 6.32 -3.14
CA THR B 480 -22.82 4.98 -3.61
C THR B 480 -21.65 4.60 -4.53
N PRO B 481 -21.52 3.29 -4.80
CA PRO B 481 -20.54 2.83 -5.78
C PRO B 481 -20.72 3.56 -7.11
N ALA B 482 -21.96 3.80 -7.52
CA ALA B 482 -22.21 4.57 -8.75
C ALA B 482 -21.57 5.96 -8.67
N GLU B 483 -21.61 6.59 -7.50
CA GLU B 483 -21.09 7.96 -7.34
C GLU B 483 -19.59 8.01 -7.04
N TYR B 484 -19.00 6.84 -6.81
CA TYR B 484 -17.69 6.82 -6.18
C TYR B 484 -16.58 7.35 -7.09
N SER B 485 -16.64 7.02 -8.37
CA SER B 485 -15.59 7.43 -9.31
CA SER B 485 -15.58 7.42 -9.28
C SER B 485 -15.45 8.93 -9.32
N ASP B 486 -16.60 9.61 -9.35
CA ASP B 486 -16.63 11.07 -9.36
C ASP B 486 -15.98 11.70 -8.12
N VAL B 487 -16.29 11.23 -6.91
CA VAL B 487 -15.65 11.81 -5.73
C VAL B 487 -14.17 11.37 -5.61
N ARG B 488 -13.88 10.15 -6.02
CA ARG B 488 -12.51 9.66 -6.03
C ARG B 488 -11.63 10.52 -6.94
N SER B 489 -12.16 10.92 -8.08
CA SER B 489 -11.38 11.77 -8.98
C SER B 489 -11.05 13.15 -8.37
N LEU B 490 -11.96 13.72 -7.57
CA LEU B 490 -11.66 14.96 -6.84
C LEU B 490 -10.57 14.80 -5.80
N ILE B 491 -10.72 13.76 -4.97
CA ILE B 491 -9.78 13.51 -3.88
C ILE B 491 -8.38 13.24 -4.44
N HIS B 492 -8.32 12.42 -5.48
CA HIS B 492 -7.08 12.11 -6.16
C HIS B 492 -6.49 13.39 -6.78
N GLU B 493 -7.34 14.24 -7.37
CA GLU B 493 -6.82 15.49 -7.94
C GLU B 493 -6.19 16.32 -6.84
N TRP B 494 -6.74 16.27 -5.62
CA TRP B 494 -6.12 16.98 -4.51
C TRP B 494 -4.80 16.38 -4.03
N THR B 495 -4.77 15.05 -3.88
CA THR B 495 -3.65 14.37 -3.23
C THR B 495 -2.49 13.97 -4.15
N ASN B 496 -2.75 13.79 -5.45
CA ASN B 496 -1.71 13.43 -6.43
C ASN B 496 -0.53 14.40 -6.34
N PRO B 497 0.64 13.92 -5.89
CA PRO B 497 1.78 14.81 -5.69
C PRO B 497 2.21 15.60 -6.91
N ASP B 498 2.09 15.01 -8.11
CA ASP B 498 2.41 15.71 -9.34
C ASP B 498 1.63 16.99 -9.46
N ASN B 499 0.44 17.03 -8.87
CA ASN B 499 -0.36 18.24 -8.99
C ASN B 499 0.21 19.38 -8.16
N ARG B 500 1.25 19.11 -7.37
CA ARG B 500 1.91 20.15 -6.58
C ARG B 500 3.30 20.49 -7.11
N VAL B 501 3.63 20.03 -8.31
CA VAL B 501 4.93 20.28 -8.89
C VAL B 501 4.93 21.51 -9.77
N LEU B 502 5.88 22.41 -9.53
CA LEU B 502 6.23 23.44 -10.50
C LEU B 502 7.61 23.07 -11.07
N LEU B 503 7.74 23.19 -12.39
CA LEU B 503 8.97 22.91 -13.12
C LEU B 503 9.59 24.20 -13.63
N PHE B 504 10.88 24.38 -13.34
CA PHE B 504 11.63 25.54 -13.79
C PHE B 504 12.84 25.09 -14.58
N SER B 505 13.22 25.85 -15.59
CA SER B 505 14.50 25.64 -16.26
C SER B 505 15.39 26.82 -15.91
N LEU B 506 16.68 26.55 -15.82
CA LEU B 506 17.65 27.50 -15.28
C LEU B 506 18.39 28.06 -16.44
#